data_4C9L
#
_entry.id   4C9L
#
_cell.length_a   151.529
_cell.length_b   151.529
_cell.length_c   196.041
_cell.angle_alpha   90.00
_cell.angle_beta   90.00
_cell.angle_gamma   120.00
#
_symmetry.space_group_name_H-M   'P 64 2 2'
#
loop_
_entity.id
_entity.type
_entity.pdbx_description
1 polymer 'CYTOCHROME P450'
2 non-polymer 'PROTOPORPHYRIN IX CONTAINING FE'
3 non-polymer CAMPHOR
4 non-polymer 'CYANIDE ION'
5 water water
#
_entity_poly.entity_id   1
_entity_poly.type   'polypeptide(L)'
_entity_poly.pdbx_seq_one_letter_code
;MNAQTSTATQKHRVAPPPHVPGHLIREIDAYDLDGLEQGFHEAWKRVQQPDTPPLVWTPFTGGHWIATRGTLIDEIYRSP
ERFSSRVIWVPREAGEAYDMVPTKLDPPEHTPYRKAIDKGLNLAEIRKLEDQIRTIAVEIIEGFADRGHCEFGSEFSTVF
PVRVFLALAGLPVEDATKLGLLANEMTRPSGNTPEEQGRSLEAANKGFFEYVAPIIAARRGGSGTDLITRILNVEIDGKP
MPDDRALGLVSLLLLGGLDTVVNFLGFMMIYLSRHPETVAEMRREPLKLQRGVEELFRRFAVVSDARYVVSDMEFHGTML
KEGDLILLPTALHGLDDRHHDDPMTVDLSRRDVTHSTFAQGPHRCAGMHLARLEVTVMLQEWLARIPEFRLKDRAVPIYH
SGIVAAVENIPLEWEPQRVSA
;
_entity_poly.pdbx_strand_id   A,B
#
loop_
_chem_comp.id
_chem_comp.type
_chem_comp.name
_chem_comp.formula
CAM non-polymer CAMPHOR 'C10 H16 O'
CYN non-polymer 'CYANIDE ION' 'C N -1'
HEM non-polymer 'PROTOPORPHYRIN IX CONTAINING FE' 'C34 H32 Fe N4 O4'
#
# COMPACT_ATOMS: atom_id res chain seq x y z
N GLN A 10 -9.92 1.11 35.41
CA GLN A 10 -9.14 2.33 35.19
C GLN A 10 -8.17 2.09 34.03
N LYS A 11 -8.11 3.04 33.11
CA LYS A 11 -7.26 2.92 31.93
C LYS A 11 -5.89 3.57 32.16
N HIS A 12 -4.84 2.82 31.89
CA HIS A 12 -3.47 3.30 32.04
C HIS A 12 -3.07 4.07 30.79
N ARG A 13 -2.66 5.33 30.97
CA ARG A 13 -2.21 6.19 29.86
C ARG A 13 -0.74 6.60 30.06
N VAL A 14 -0.06 6.75 28.96
CA VAL A 14 1.29 7.26 28.91
C VAL A 14 1.19 8.60 28.15
N ALA A 15 2.03 9.59 28.46
CA ALA A 15 2.01 10.84 27.68
C ALA A 15 2.66 10.66 26.32
N PRO A 16 2.17 11.38 25.32
CA PRO A 16 2.82 11.22 24.01
C PRO A 16 4.23 11.79 23.98
N PRO A 17 5.12 11.13 23.27
CA PRO A 17 6.45 11.73 23.09
C PRO A 17 6.41 13.00 22.24
N PRO A 18 7.46 13.82 22.30
CA PRO A 18 7.50 15.10 21.59
C PRO A 18 7.19 15.02 20.09
N HIS A 19 7.55 13.92 19.43
CA HIS A 19 7.36 13.85 17.98
C HIS A 19 5.97 13.43 17.54
N VAL A 20 5.13 13.03 18.48
CA VAL A 20 3.77 12.64 18.18
C VAL A 20 2.84 13.88 18.27
N PRO A 21 2.24 14.29 17.14
CA PRO A 21 1.37 15.46 17.22
C PRO A 21 -0.03 15.10 17.71
N GLY A 22 -0.66 16.03 18.42
CA GLY A 22 -1.98 15.79 18.95
C GLY A 22 -3.01 15.30 17.96
N HIS A 23 -2.96 15.79 16.72
CA HIS A 23 -3.93 15.41 15.72
C HIS A 23 -3.87 13.93 15.32
N LEU A 24 -2.79 13.23 15.67
CA LEU A 24 -2.69 11.80 15.36
C LEU A 24 -3.02 10.89 16.53
N ILE A 25 -3.34 11.46 17.69
CA ILE A 25 -3.63 10.64 18.85
C ILE A 25 -5.04 10.09 18.75
N ARG A 26 -5.16 8.80 19.03
CA ARG A 26 -6.44 8.11 19.06
C ARG A 26 -6.41 7.15 20.24
N GLU A 27 -7.49 7.12 21.02
CA GLU A 27 -7.54 6.28 22.20
C GLU A 27 -8.05 4.90 21.83
N ILE A 28 -7.09 4.05 21.44
CA ILE A 28 -7.37 2.70 20.96
C ILE A 28 -6.69 1.69 21.88
N ASP A 29 -7.48 0.79 22.45
CA ASP A 29 -6.98 -0.23 23.35
C ASP A 29 -7.01 -1.60 22.66
N ALA A 30 -5.86 -2.04 22.18
CA ALA A 30 -5.77 -3.30 21.46
C ALA A 30 -6.21 -4.51 22.28
N TYR A 31 -6.13 -4.40 23.61
CA TYR A 31 -6.52 -5.50 24.50
C TYR A 31 -7.97 -5.45 24.98
N ASP A 32 -8.71 -4.41 24.59
CA ASP A 32 -10.12 -4.25 24.95
C ASP A 32 -10.76 -3.20 24.05
N LEU A 33 -10.85 -3.51 22.75
CA LEU A 33 -11.27 -2.53 21.79
C LEU A 33 -12.67 -1.99 22.06
N ASP A 34 -12.81 -0.68 21.85
CA ASP A 34 -14.12 -0.06 21.83
C ASP A 34 -15.00 -0.80 20.82
N GLY A 35 -16.18 -1.23 21.25
CA GLY A 35 -17.12 -1.92 20.38
C GLY A 35 -16.88 -3.42 20.24
N LEU A 36 -15.97 -3.95 21.03
CA LEU A 36 -15.59 -5.36 20.90
C LEU A 36 -16.75 -6.31 21.14
N GLU A 37 -17.75 -5.89 21.92
CA GLU A 37 -18.90 -6.76 22.18
C GLU A 37 -19.66 -7.08 20.89
N GLN A 38 -19.48 -6.26 19.86
CA GLN A 38 -20.13 -6.49 18.57
C GLN A 38 -19.31 -7.40 17.69
N GLY A 39 -18.07 -7.67 18.09
CA GLY A 39 -17.18 -8.49 17.28
C GLY A 39 -15.81 -7.87 17.18
N PHE A 40 -14.81 -8.72 17.11
CA PHE A 40 -13.42 -8.30 16.96
C PHE A 40 -13.20 -7.55 15.64
N HIS A 41 -13.69 -8.12 14.54
CA HIS A 41 -13.48 -7.49 13.24
C HIS A 41 -14.19 -6.16 13.12
N GLU A 42 -15.42 -6.14 13.60
CA GLU A 42 -16.24 -4.95 13.67
C GLU A 42 -15.57 -3.85 14.50
N ALA A 43 -14.98 -4.25 15.62
CA ALA A 43 -14.30 -3.30 16.49
C ALA A 43 -13.07 -2.68 15.84
N TRP A 44 -12.24 -3.50 15.21
CA TRP A 44 -11.11 -2.94 14.46
C TRP A 44 -11.59 -2.04 13.32
N LYS A 45 -12.65 -2.44 12.65
CA LYS A 45 -13.15 -1.62 11.53
C LYS A 45 -13.63 -0.24 12.01
N ARG A 46 -14.04 -0.11 13.27
CA ARG A 46 -14.38 1.23 13.80
C ARG A 46 -13.22 2.20 13.75
N VAL A 47 -11.99 1.68 13.84
CA VAL A 47 -10.79 2.50 13.81
C VAL A 47 -10.51 3.03 12.41
N GLN A 48 -10.91 2.24 11.42
CA GLN A 48 -10.63 2.54 10.00
C GLN A 48 -11.79 3.32 9.41
N GLN A 49 -11.89 4.59 9.82
CA GLN A 49 -12.89 5.52 9.27
C GLN A 49 -12.35 6.11 7.94
N PRO A 50 -13.25 6.72 7.14
CA PRO A 50 -12.84 7.15 5.80
C PRO A 50 -11.67 8.10 5.75
N ASP A 51 -11.54 8.96 6.75
CA ASP A 51 -10.48 9.96 6.76
C ASP A 51 -9.43 9.71 7.82
N THR A 52 -9.41 8.54 8.43
CA THR A 52 -8.43 8.41 9.54
C THR A 52 -7.02 8.31 9.00
N PRO A 53 -6.09 8.93 9.71
CA PRO A 53 -4.72 8.94 9.23
C PRO A 53 -4.17 7.53 9.12
N PRO A 54 -3.19 7.33 8.23
CA PRO A 54 -2.61 6.00 8.00
C PRO A 54 -1.89 5.44 9.25
N LEU A 55 -1.33 6.34 10.06
CA LEU A 55 -0.69 5.95 11.31
C LEU A 55 -1.28 6.84 12.43
N VAL A 56 -1.80 6.21 13.47
CA VAL A 56 -2.28 6.91 14.64
C VAL A 56 -1.58 6.39 15.89
N TRP A 57 -1.54 7.22 16.93
CA TRP A 57 -0.80 6.88 18.14
C TRP A 57 -1.76 6.82 19.31
N THR A 58 -1.68 5.75 20.09
CA THR A 58 -2.54 5.55 21.23
C THR A 58 -1.72 5.63 22.51
N PRO A 59 -2.30 6.28 23.55
CA PRO A 59 -1.63 6.39 24.86
C PRO A 59 -1.76 5.15 25.71
N PHE A 60 -2.58 4.22 25.25
CA PHE A 60 -2.80 2.95 25.96
C PHE A 60 -1.74 1.91 25.62
N THR A 61 -1.62 0.90 26.48
CA THR A 61 -0.75 -0.24 26.22
C THR A 61 0.72 0.23 26.08
N GLY A 62 1.08 1.19 26.92
CA GLY A 62 2.43 1.72 26.93
C GLY A 62 2.76 2.76 25.90
N GLY A 63 1.81 3.08 25.03
CA GLY A 63 1.97 4.09 24.00
C GLY A 63 2.56 3.48 22.74
N HIS A 64 1.85 3.52 21.62
CA HIS A 64 2.37 2.92 20.41
C HIS A 64 1.57 3.41 19.22
N TRP A 65 2.16 3.25 18.05
CA TRP A 65 1.45 3.53 16.80
C TRP A 65 0.57 2.36 16.39
N ILE A 66 -0.39 2.67 15.55
CA ILE A 66 -1.21 1.67 14.88
C ILE A 66 -1.36 2.04 13.41
N ALA A 67 -1.05 1.09 12.53
CA ALA A 67 -1.27 1.26 11.08
C ALA A 67 -2.71 0.94 10.77
N THR A 68 -3.38 1.82 10.03
CA THR A 68 -4.83 1.71 9.89
C THR A 68 -5.28 1.31 8.51
N ARG A 69 -4.32 1.07 7.62
CA ARG A 69 -4.62 0.73 6.24
C ARG A 69 -3.75 -0.42 5.76
N GLY A 70 -4.32 -1.21 4.86
CA GLY A 70 -3.66 -2.40 4.37
C GLY A 70 -2.33 -2.18 3.69
N THR A 71 -2.19 -1.11 2.92
CA THR A 71 -0.94 -0.90 2.19
C THR A 71 0.23 -0.68 3.15
N LEU A 72 -0.01 0.01 4.26
CA LEU A 72 1.03 0.17 5.27
C LEU A 72 1.37 -1.13 5.97
N ILE A 73 0.35 -1.87 6.35
CA ILE A 73 0.57 -3.14 7.02
C ILE A 73 1.43 -4.07 6.14
N ASP A 74 1.02 -4.20 4.89
CA ASP A 74 1.77 -5.00 3.92
C ASP A 74 3.20 -4.53 3.79
N GLU A 75 3.39 -3.23 3.60
CA GLU A 75 4.73 -2.68 3.39
C GLU A 75 5.63 -2.92 4.60
N ILE A 76 5.07 -2.68 5.78
CA ILE A 76 5.84 -2.81 7.02
C ILE A 76 6.33 -4.24 7.18
N TYR A 77 5.45 -5.22 6.98
CA TYR A 77 5.85 -6.61 7.11
C TYR A 77 6.92 -7.01 6.10
N ARG A 78 6.87 -6.40 4.92
CA ARG A 78 7.85 -6.68 3.86
C ARG A 78 9.19 -5.95 4.01
N SER A 79 9.36 -5.14 5.06
CA SER A 79 10.49 -4.23 5.15
C SER A 79 11.25 -4.39 6.48
N PRO A 80 11.86 -5.57 6.68
CA PRO A 80 12.55 -5.82 7.96
C PRO A 80 13.75 -4.90 8.22
N GLU A 81 14.33 -4.30 7.19
CA GLU A 81 15.47 -3.42 7.38
C GLU A 81 15.05 -2.09 7.99
N ARG A 82 13.79 -1.74 7.82
CA ARG A 82 13.22 -0.51 8.37
C ARG A 82 12.35 -0.76 9.58
N PHE A 83 11.72 -1.94 9.65
CA PHE A 83 10.79 -2.29 10.72
C PHE A 83 11.16 -3.68 11.20
N SER A 84 11.88 -3.69 12.31
CA SER A 84 12.50 -4.88 12.84
C SER A 84 11.58 -5.70 13.74
N SER A 85 11.85 -7.00 13.78
CA SER A 85 11.16 -7.91 14.67
C SER A 85 11.84 -7.99 16.05
N ARG A 86 12.76 -7.07 16.33
CA ARG A 86 13.36 -7.07 17.66
C ARG A 86 12.33 -6.88 18.78
N VAL A 87 11.23 -6.19 18.48
CA VAL A 87 10.04 -6.18 19.32
C VAL A 87 8.80 -6.34 18.43
N ILE A 88 7.98 -7.36 18.71
CA ILE A 88 6.78 -7.60 17.93
C ILE A 88 5.50 -7.68 18.75
N TRP A 89 5.61 -7.39 20.04
CA TRP A 89 4.45 -7.36 20.93
C TRP A 89 4.30 -5.98 21.51
N VAL A 90 3.06 -5.61 21.81
CA VAL A 90 2.80 -4.51 22.73
C VAL A 90 2.17 -5.13 23.99
N PRO A 91 2.38 -4.53 25.17
CA PRO A 91 3.23 -3.36 25.42
C PRO A 91 4.70 -3.75 25.23
N ARG A 92 5.55 -2.73 25.13
CA ARG A 92 6.98 -2.92 24.99
C ARG A 92 7.55 -3.91 26.00
N GLU A 93 7.12 -3.82 27.26
CA GLU A 93 7.63 -4.71 28.29
C GLU A 93 7.39 -6.18 27.96
N ALA A 94 6.21 -6.48 27.41
CA ALA A 94 5.92 -7.83 26.96
C ALA A 94 6.77 -8.18 25.75
N GLY A 95 6.88 -7.24 24.82
CA GLY A 95 7.69 -7.49 23.64
C GLY A 95 9.16 -7.73 23.94
N GLU A 96 9.66 -7.13 25.01
CA GLU A 96 11.04 -7.34 25.41
C GLU A 96 11.23 -8.70 26.10
N ALA A 97 10.19 -9.15 26.79
CA ALA A 97 10.22 -10.44 27.46
C ALA A 97 10.08 -11.61 26.50
N TYR A 98 9.37 -11.36 25.39
CA TYR A 98 9.06 -12.37 24.39
C TYR A 98 10.33 -13.03 23.88
N ASP A 99 10.32 -14.36 23.88
CA ASP A 99 11.49 -15.14 23.48
C ASP A 99 11.00 -16.38 22.74
N MET A 100 10.63 -16.15 21.49
CA MET A 100 10.22 -17.20 20.60
C MET A 100 11.11 -17.08 19.37
N VAL A 101 11.36 -18.19 18.69
CA VAL A 101 12.27 -18.21 17.55
C VAL A 101 11.54 -18.87 16.39
N PRO A 102 11.66 -18.31 15.17
CA PRO A 102 12.50 -17.17 14.79
C PRO A 102 11.76 -15.83 14.69
N THR A 103 10.62 -15.70 15.36
CA THR A 103 9.82 -14.48 15.23
C THR A 103 10.47 -13.25 15.83
N LYS A 104 11.46 -13.45 16.70
CA LYS A 104 12.21 -12.33 17.23
C LYS A 104 13.43 -11.93 16.39
N LEU A 105 13.65 -12.64 15.29
CA LEU A 105 14.85 -12.43 14.47
C LEU A 105 14.56 -11.74 13.15
N ASP A 106 15.53 -10.95 12.70
CA ASP A 106 15.53 -10.42 11.36
C ASP A 106 16.49 -11.24 10.48
N PRO A 107 16.30 -11.17 9.15
CA PRO A 107 17.35 -11.73 8.29
C PRO A 107 18.64 -10.97 8.55
N PRO A 108 19.80 -11.63 8.48
CA PRO A 108 20.04 -13.01 8.07
C PRO A 108 19.91 -14.04 9.18
N GLU A 109 19.89 -13.61 10.43
CA GLU A 109 19.79 -14.54 11.56
C GLU A 109 18.55 -15.43 11.48
N HIS A 110 17.46 -14.83 11.01
CA HIS A 110 16.18 -15.52 10.87
C HIS A 110 16.24 -16.68 9.87
N THR A 111 17.03 -16.54 8.81
CA THR A 111 16.77 -17.45 7.69
C THR A 111 17.08 -18.94 7.91
N PRO A 112 18.17 -19.28 8.61
CA PRO A 112 18.37 -20.73 8.79
C PRO A 112 17.34 -21.36 9.71
N TYR A 113 16.79 -20.58 10.64
CA TYR A 113 15.73 -21.09 11.51
C TYR A 113 14.43 -21.27 10.76
N ARG A 114 14.14 -20.36 9.85
CA ARG A 114 12.96 -20.53 9.01
C ARG A 114 13.14 -21.71 8.10
N LYS A 115 14.35 -21.89 7.55
CA LYS A 115 14.64 -23.08 6.73
C LYS A 115 14.35 -24.35 7.50
N ALA A 116 14.78 -24.39 8.76
CA ALA A 116 14.55 -25.56 9.60
C ALA A 116 13.06 -25.81 9.78
N ILE A 117 12.29 -24.78 10.10
CA ILE A 117 10.86 -24.94 10.27
C ILE A 117 10.21 -25.45 8.99
N ASP A 118 10.65 -24.90 7.87
CA ASP A 118 10.07 -25.24 6.57
C ASP A 118 10.30 -26.72 6.24
N LYS A 119 11.35 -27.32 6.78
CA LYS A 119 11.57 -28.76 6.54
C LYS A 119 10.39 -29.56 7.06
N GLY A 120 9.75 -29.05 8.11
CA GLY A 120 8.63 -29.73 8.73
C GLY A 120 7.26 -29.27 8.25
N LEU A 121 7.14 -28.01 7.86
CA LEU A 121 5.84 -27.40 7.58
C LEU A 121 5.59 -27.03 6.14
N ASN A 122 6.51 -27.36 5.25
CA ASN A 122 6.31 -27.03 3.84
C ASN A 122 5.08 -27.73 3.25
N LEU A 123 4.58 -27.21 2.13
CA LEU A 123 3.33 -27.69 1.57
C LEU A 123 3.35 -29.19 1.30
N ALA A 124 4.45 -29.70 0.76
CA ALA A 124 4.53 -31.12 0.44
C ALA A 124 4.44 -31.97 1.71
N GLU A 125 5.06 -31.52 2.79
CA GLU A 125 4.94 -32.24 4.06
C GLU A 125 3.53 -32.18 4.63
N ILE A 126 2.91 -31.01 4.55
CA ILE A 126 1.57 -30.84 5.08
C ILE A 126 0.57 -31.70 4.30
N ARG A 127 0.76 -31.85 2.99
CA ARG A 127 -0.15 -32.64 2.19
C ARG A 127 -0.26 -34.06 2.71
N LYS A 128 0.84 -34.57 3.27
CA LYS A 128 0.87 -35.92 3.80
C LYS A 128 -0.04 -36.07 5.00
N LEU A 129 -0.42 -34.95 5.61
CA LEU A 129 -1.19 -34.96 6.85
C LEU A 129 -2.69 -34.95 6.65
N GLU A 130 -3.14 -34.85 5.41
CA GLU A 130 -4.56 -34.64 5.15
C GLU A 130 -5.44 -35.71 5.81
N ASP A 131 -5.03 -36.96 5.70
CA ASP A 131 -5.89 -38.06 6.16
C ASP A 131 -5.98 -38.04 7.69
N GLN A 132 -4.86 -37.79 8.36
CA GLN A 132 -4.80 -37.75 9.83
C GLN A 132 -5.71 -36.65 10.33
N ILE A 133 -5.64 -35.49 9.67
CA ILE A 133 -6.45 -34.35 10.04
C ILE A 133 -7.93 -34.65 9.83
N ARG A 134 -8.26 -35.29 8.72
CA ARG A 134 -9.64 -35.64 8.43
C ARG A 134 -10.20 -36.61 9.47
N THR A 135 -9.41 -37.62 9.85
CA THR A 135 -9.84 -38.58 10.83
C THR A 135 -10.21 -37.91 12.15
N ILE A 136 -9.37 -36.97 12.55
CA ILE A 136 -9.63 -36.21 13.78
C ILE A 136 -10.91 -35.37 13.66
N ALA A 137 -11.07 -34.67 12.54
CA ALA A 137 -12.28 -33.88 12.35
C ALA A 137 -13.55 -34.73 12.39
N VAL A 138 -13.53 -35.86 11.69
CA VAL A 138 -14.68 -36.73 11.63
C VAL A 138 -15.05 -37.26 13.01
N GLU A 139 -14.06 -37.70 13.75
CA GLU A 139 -14.30 -38.27 15.07
C GLU A 139 -15.00 -37.24 15.96
N ILE A 140 -14.49 -36.01 15.93
CA ILE A 140 -15.09 -34.96 16.73
C ILE A 140 -16.52 -34.68 16.28
N ILE A 141 -16.71 -34.45 14.98
CA ILE A 141 -18.03 -34.10 14.44
C ILE A 141 -19.05 -35.20 14.67
N GLU A 142 -18.63 -36.44 14.50
CA GLU A 142 -19.51 -37.57 14.71
C GLU A 142 -20.04 -37.63 16.14
N GLY A 143 -19.30 -37.06 17.07
CA GLY A 143 -19.76 -36.99 18.46
C GLY A 143 -21.04 -36.18 18.68
N PHE A 144 -21.31 -35.21 17.82
CA PHE A 144 -22.50 -34.35 18.02
C PHE A 144 -23.38 -34.13 16.79
N ALA A 145 -22.98 -34.64 15.62
CA ALA A 145 -23.73 -34.39 14.38
C ALA A 145 -25.18 -34.81 14.48
N ASP A 146 -25.43 -35.92 15.17
CA ASP A 146 -26.77 -36.45 15.28
C ASP A 146 -27.61 -35.73 16.34
N ARG A 147 -26.96 -34.90 17.14
CA ARG A 147 -27.58 -34.27 18.28
C ARG A 147 -28.45 -33.05 17.93
N GLY A 148 -28.06 -32.29 16.90
CA GLY A 148 -28.80 -31.10 16.52
C GLY A 148 -28.32 -29.82 17.18
N HIS A 149 -27.27 -29.92 17.99
CA HIS A 149 -26.71 -28.73 18.65
C HIS A 149 -25.33 -29.01 19.18
N CYS A 150 -24.54 -27.96 19.32
CA CYS A 150 -23.28 -28.07 20.01
C CYS A 150 -22.81 -26.67 20.33
N GLU A 151 -21.98 -26.55 21.34
CA GLU A 151 -21.31 -25.29 21.61
C GLU A 151 -19.98 -25.37 20.84
N PHE A 152 -19.93 -24.73 19.67
CA PHE A 152 -18.87 -24.97 18.69
C PHE A 152 -17.46 -24.68 19.22
N GLY A 153 -17.36 -23.68 20.09
CA GLY A 153 -16.07 -23.32 20.69
C GLY A 153 -15.50 -24.47 21.52
N SER A 154 -16.21 -24.80 22.58
CA SER A 154 -15.71 -25.81 23.50
C SER A 154 -15.71 -27.22 22.90
N GLU A 155 -16.61 -27.49 21.96
CA GLU A 155 -16.76 -28.85 21.45
C GLU A 155 -16.05 -29.12 20.12
N PHE A 156 -15.67 -28.06 19.41
CA PHE A 156 -14.94 -28.24 18.15
C PHE A 156 -13.70 -27.38 17.96
N SER A 157 -13.86 -26.06 17.93
CA SER A 157 -12.76 -25.21 17.47
C SER A 157 -11.58 -25.26 18.43
N THR A 158 -11.84 -25.42 19.72
CA THR A 158 -10.75 -25.52 20.69
C THR A 158 -10.17 -26.93 20.78
N VAL A 159 -10.83 -27.91 20.12
CA VAL A 159 -10.45 -29.31 20.18
C VAL A 159 -9.70 -29.77 18.95
N PHE A 160 -10.26 -29.49 17.78
CA PHE A 160 -9.74 -30.02 16.52
C PHE A 160 -8.28 -29.62 16.22
N PRO A 161 -7.96 -28.33 16.20
CA PRO A 161 -6.60 -27.96 15.81
C PRO A 161 -5.57 -28.40 16.85
N VAL A 162 -6.01 -28.48 18.10
CA VAL A 162 -5.15 -28.91 19.21
C VAL A 162 -4.81 -30.40 19.10
N ARG A 163 -5.81 -31.24 18.86
CA ARG A 163 -5.55 -32.65 18.67
C ARG A 163 -4.67 -32.87 17.44
N VAL A 164 -4.92 -32.12 16.35
CA VAL A 164 -4.10 -32.26 15.16
C VAL A 164 -2.65 -31.94 15.51
N PHE A 165 -2.44 -30.81 16.16
CA PHE A 165 -1.07 -30.39 16.39
C PHE A 165 -0.33 -31.26 17.40
N LEU A 166 -1.00 -31.65 18.47
CA LEU A 166 -0.32 -32.47 19.47
C LEU A 166 0.04 -33.82 18.87
N ALA A 167 -0.81 -34.31 17.97
CA ALA A 167 -0.50 -35.58 17.33
C ALA A 167 0.71 -35.42 16.41
N LEU A 168 0.70 -34.35 15.62
CA LEU A 168 1.78 -34.04 14.70
C LEU A 168 3.09 -33.84 15.44
N ALA A 169 3.03 -33.17 16.58
CA ALA A 169 4.22 -32.94 17.41
C ALA A 169 4.61 -34.11 18.31
N GLY A 170 3.84 -35.19 18.28
CA GLY A 170 4.08 -36.34 19.14
C GLY A 170 4.01 -36.04 20.63
N LEU A 171 3.01 -35.26 21.01
CA LEU A 171 2.82 -34.89 22.40
C LEU A 171 1.49 -35.44 22.92
N PRO A 172 1.41 -35.66 24.23
CA PRO A 172 0.21 -36.24 24.82
C PRO A 172 -0.98 -35.30 24.74
N VAL A 173 -2.13 -35.83 24.38
CA VAL A 173 -3.30 -35.00 24.25
C VAL A 173 -3.69 -34.39 25.60
N GLU A 174 -3.27 -35.00 26.71
CA GLU A 174 -3.64 -34.51 28.04
C GLU A 174 -2.92 -33.22 28.42
N ASP A 175 -1.97 -32.80 27.60
CA ASP A 175 -1.23 -31.56 27.84
C ASP A 175 -1.95 -30.37 27.23
N ALA A 176 -3.09 -30.61 26.59
CA ALA A 176 -3.79 -29.54 25.90
C ALA A 176 -4.18 -28.37 26.81
N THR A 177 -4.69 -28.67 27.99
CA THR A 177 -5.14 -27.61 28.88
C THR A 177 -3.99 -26.72 29.33
N LYS A 178 -2.92 -27.32 29.84
CA LYS A 178 -1.80 -26.52 30.34
C LYS A 178 -1.19 -25.67 29.25
N LEU A 179 -1.08 -26.23 28.05
CA LEU A 179 -0.50 -25.47 26.94
C LEU A 179 -1.42 -24.36 26.47
N GLY A 180 -2.73 -24.61 26.48
CA GLY A 180 -3.68 -23.58 26.11
C GLY A 180 -3.63 -22.39 27.07
N LEU A 181 -3.44 -22.67 28.35
CA LEU A 181 -3.38 -21.61 29.35
C LEU A 181 -2.14 -20.75 29.14
N LEU A 182 -1.03 -21.40 28.80
CA LEU A 182 0.20 -20.66 28.50
C LEU A 182 0.00 -19.80 27.25
N ALA A 183 -0.63 -20.37 26.23
CA ALA A 183 -0.90 -19.61 25.01
C ALA A 183 -1.71 -18.36 25.32
N ASN A 184 -2.77 -18.50 26.11
CA ASN A 184 -3.63 -17.36 26.43
C ASN A 184 -2.87 -16.21 27.03
N GLU A 185 -1.93 -16.53 27.91
CA GLU A 185 -1.17 -15.49 28.58
C GLU A 185 -0.04 -14.95 27.69
N MET A 186 0.34 -15.65 26.63
CA MET A 186 1.23 -15.05 25.61
C MET A 186 0.50 -14.01 24.77
N THR A 187 -0.66 -14.40 24.23
CA THR A 187 -1.30 -13.57 23.19
C THR A 187 -2.32 -12.59 23.76
N ARG A 188 -2.83 -12.88 24.95
CA ARG A 188 -3.74 -12.00 25.65
C ARG A 188 -3.33 -11.89 27.12
N PRO A 189 -2.10 -11.42 27.35
CA PRO A 189 -1.60 -11.41 28.74
C PRO A 189 -2.47 -10.61 29.69
N SER A 190 -2.67 -11.16 30.89
CA SER A 190 -3.43 -10.48 31.91
C SER A 190 -2.70 -9.25 32.44
N GLY A 191 -3.47 -8.25 32.84
CA GLY A 191 -2.92 -7.09 33.53
C GLY A 191 -3.50 -5.81 32.98
N ASN A 192 -3.46 -4.75 33.78
CA ASN A 192 -4.02 -3.48 33.35
C ASN A 192 -2.99 -2.36 33.34
N THR A 193 -1.73 -2.77 33.43
CA THR A 193 -0.57 -1.89 33.30
C THR A 193 0.39 -2.53 32.32
N PRO A 194 1.19 -1.73 31.59
CA PRO A 194 2.25 -2.33 30.76
C PRO A 194 3.17 -3.26 31.55
N GLU A 195 3.58 -2.84 32.75
CA GLU A 195 4.43 -3.72 33.56
C GLU A 195 3.73 -5.02 33.96
N GLU A 196 2.45 -4.98 34.29
CA GLU A 196 1.73 -6.20 34.64
C GLU A 196 1.66 -7.15 33.45
N GLN A 197 1.34 -6.61 32.28
CA GLN A 197 1.26 -7.46 31.10
C GLN A 197 2.63 -8.03 30.75
N GLY A 198 3.69 -7.26 30.96
CA GLY A 198 5.03 -7.77 30.72
C GLY A 198 5.31 -8.96 31.61
N ARG A 199 4.97 -8.85 32.89
CA ARG A 199 5.18 -9.95 33.84
C ARG A 199 4.37 -11.20 33.46
N SER A 200 3.15 -10.98 32.99
CA SER A 200 2.30 -12.10 32.55
C SER A 200 2.89 -12.87 31.38
N LEU A 201 3.39 -12.12 30.40
CA LEU A 201 3.98 -12.73 29.22
C LEU A 201 5.28 -13.45 29.60
N GLU A 202 6.06 -12.80 30.46
CA GLU A 202 7.29 -13.40 30.92
C GLU A 202 7.02 -14.78 31.55
N ALA A 203 6.01 -14.84 32.41
CA ALA A 203 5.68 -16.08 33.10
C ALA A 203 5.21 -17.14 32.14
N ALA A 204 4.38 -16.74 31.17
CA ALA A 204 3.87 -17.66 30.16
C ALA A 204 5.03 -18.22 29.29
N ASN A 205 5.94 -17.34 28.89
CA ASN A 205 7.05 -17.74 28.04
C ASN A 205 7.97 -18.69 28.81
N LYS A 206 8.13 -18.45 30.11
CA LYS A 206 8.89 -19.35 30.97
C LYS A 206 8.21 -20.72 31.06
N GLY A 207 6.89 -20.74 31.24
CA GLY A 207 6.16 -21.99 31.28
C GLY A 207 6.37 -22.82 30.02
N PHE A 208 6.38 -22.13 28.87
CA PHE A 208 6.63 -22.83 27.61
C PHE A 208 8.03 -23.44 27.62
N PHE A 209 9.01 -22.64 28.02
CA PHE A 209 10.38 -23.14 28.01
C PHE A 209 10.53 -24.32 28.97
N GLU A 210 9.89 -24.26 30.14
CA GLU A 210 9.94 -25.35 31.10
C GLU A 210 9.37 -26.64 30.48
N TYR A 211 8.29 -26.50 29.73
CA TYR A 211 7.65 -27.63 29.10
C TYR A 211 8.50 -28.24 27.99
N VAL A 212 9.10 -27.37 27.17
CA VAL A 212 9.81 -27.83 26.01
C VAL A 212 11.21 -28.33 26.31
N ALA A 213 11.85 -27.86 27.39
CA ALA A 213 13.24 -28.24 27.60
C ALA A 213 13.51 -29.75 27.62
N PRO A 214 12.72 -30.53 28.36
CA PRO A 214 12.95 -31.98 28.44
C PRO A 214 12.69 -32.69 27.10
N ILE A 215 11.75 -32.14 26.34
CA ILE A 215 11.41 -32.68 25.02
C ILE A 215 12.57 -32.48 24.06
N ILE A 216 13.12 -31.29 24.03
CA ILE A 216 14.32 -31.03 23.23
C ILE A 216 15.44 -31.97 23.62
N ALA A 217 15.76 -32.05 24.90
CA ALA A 217 16.84 -32.91 25.35
C ALA A 217 16.64 -34.36 24.89
N ALA A 218 15.39 -34.83 24.94
CA ALA A 218 15.08 -36.21 24.58
C ALA A 218 15.08 -36.45 23.07
N ARG A 219 14.82 -35.41 22.27
CA ARG A 219 14.65 -35.64 20.83
C ARG A 219 15.82 -35.16 19.96
N ARG A 220 16.85 -34.57 20.57
CA ARG A 220 18.08 -34.26 19.84
C ARG A 220 18.69 -35.56 19.39
N GLY A 221 18.95 -35.70 18.09
CA GLY A 221 19.50 -36.92 17.55
C GLY A 221 18.51 -38.07 17.59
N GLY A 222 17.25 -37.76 17.90
CA GLY A 222 16.23 -38.78 18.04
C GLY A 222 15.80 -39.40 16.72
N SER A 223 15.05 -40.48 16.84
CA SER A 223 14.57 -41.23 15.68
C SER A 223 13.09 -41.02 15.45
N GLY A 224 12.44 -40.21 16.29
CA GLY A 224 11.04 -39.94 16.11
C GLY A 224 10.77 -39.32 14.77
N THR A 225 9.55 -39.49 14.26
CA THR A 225 9.16 -38.89 13.00
C THR A 225 8.24 -37.71 13.22
N ASP A 226 8.10 -37.31 14.48
CA ASP A 226 7.23 -36.20 14.82
C ASP A 226 7.83 -34.88 14.37
N LEU A 227 6.99 -33.85 14.33
CA LEU A 227 7.39 -32.55 13.83
C LEU A 227 8.57 -31.97 14.60
N ILE A 228 8.59 -32.18 15.92
CA ILE A 228 9.62 -31.56 16.73
C ILE A 228 10.99 -32.19 16.45
N THR A 229 11.08 -33.50 16.44
CA THR A 229 12.34 -34.17 16.11
C THR A 229 12.82 -33.71 14.74
N ARG A 230 11.89 -33.63 13.80
CA ARG A 230 12.25 -33.31 12.43
C ARG A 230 12.89 -31.94 12.34
N ILE A 231 12.27 -30.94 12.95
CA ILE A 231 12.74 -29.56 12.86
C ILE A 231 13.96 -29.32 13.75
N LEU A 232 13.92 -29.89 14.97
CA LEU A 232 14.99 -29.73 15.94
C LEU A 232 16.34 -30.11 15.40
N ASN A 233 16.35 -31.17 14.60
CA ASN A 233 17.58 -31.79 14.14
C ASN A 233 18.07 -31.30 12.77
N VAL A 234 17.48 -30.22 12.29
CA VAL A 234 18.02 -29.52 11.15
C VAL A 234 19.23 -28.72 11.63
N GLU A 235 20.37 -28.92 10.99
CA GLU A 235 21.56 -28.18 11.37
C GLU A 235 21.44 -26.70 11.07
N ILE A 236 22.05 -25.90 11.94
CA ILE A 236 22.11 -24.45 11.77
C ILE A 236 23.58 -24.11 11.58
N ASP A 237 23.90 -23.60 10.40
CA ASP A 237 25.29 -23.28 10.05
C ASP A 237 26.21 -24.45 10.38
N GLY A 238 25.82 -25.63 9.90
CA GLY A 238 26.64 -26.82 10.02
C GLY A 238 26.75 -27.47 11.39
N LYS A 239 25.96 -26.99 12.35
CA LYS A 239 26.03 -27.51 13.71
C LYS A 239 24.61 -27.70 14.27
N PRO A 240 24.48 -28.52 15.32
CA PRO A 240 23.21 -28.61 16.03
C PRO A 240 22.78 -27.24 16.53
N MET A 241 21.48 -27.01 16.43
CA MET A 241 20.85 -25.82 16.96
C MET A 241 21.18 -25.61 18.45
N PRO A 242 21.65 -24.41 18.83
CA PRO A 242 21.91 -24.18 20.26
C PRO A 242 20.66 -24.28 21.12
N ASP A 243 20.85 -24.63 22.38
CA ASP A 243 19.73 -24.82 23.31
C ASP A 243 18.82 -23.62 23.38
N ASP A 244 19.40 -22.42 23.44
CA ASP A 244 18.59 -21.22 23.66
C ASP A 244 17.61 -21.02 22.51
N ARG A 245 18.12 -21.20 21.30
CA ARG A 245 17.31 -21.10 20.11
C ARG A 245 16.27 -22.22 20.05
N ALA A 246 16.67 -23.44 20.42
CA ALA A 246 15.75 -24.56 20.36
C ALA A 246 14.53 -24.32 21.26
N LEU A 247 14.78 -23.81 22.47
CA LEU A 247 13.69 -23.52 23.41
C LEU A 247 12.69 -22.60 22.77
N GLY A 248 13.19 -21.53 22.18
CA GLY A 248 12.30 -20.55 21.58
C GLY A 248 11.58 -21.08 20.38
N LEU A 249 12.26 -21.95 19.62
CA LEU A 249 11.71 -22.48 18.38
C LEU A 249 10.59 -23.49 18.65
N VAL A 250 10.85 -24.45 19.52
CA VAL A 250 9.82 -25.45 19.80
C VAL A 250 8.62 -24.82 20.52
N SER A 251 8.89 -23.84 21.38
CA SER A 251 7.80 -23.11 22.02
C SER A 251 6.93 -22.39 21.01
N LEU A 252 7.56 -21.80 20.00
CA LEU A 252 6.81 -21.07 18.97
C LEU A 252 5.93 -22.02 18.16
N LEU A 253 6.47 -23.18 17.82
CA LEU A 253 5.67 -24.19 17.10
C LEU A 253 4.40 -24.51 17.88
N LEU A 254 4.54 -24.70 19.19
CA LEU A 254 3.41 -25.02 20.02
C LEU A 254 2.43 -23.85 20.07
N LEU A 255 2.96 -22.65 20.26
CA LEU A 255 2.09 -21.48 20.36
C LEU A 255 1.30 -21.26 19.07
N GLY A 256 1.99 -21.33 17.94
CA GLY A 256 1.33 -21.16 16.65
C GLY A 256 0.36 -22.27 16.37
N GLY A 257 0.79 -23.49 16.67
CA GLY A 257 -0.02 -24.66 16.41
C GLY A 257 -1.31 -24.76 17.19
N LEU A 258 -1.34 -24.20 18.41
CA LEU A 258 -2.45 -24.39 19.33
C LEU A 258 -3.42 -23.21 19.52
N ASP A 259 -3.07 -21.99 19.12
CA ASP A 259 -3.94 -20.82 19.34
C ASP A 259 -4.61 -20.23 18.10
N THR A 260 -3.86 -19.94 17.04
CA THR A 260 -4.44 -19.17 15.95
C THR A 260 -5.59 -19.84 15.23
N VAL A 261 -5.44 -21.10 14.83
CA VAL A 261 -6.51 -21.75 14.04
C VAL A 261 -7.76 -21.91 14.89
N VAL A 262 -7.57 -22.23 16.17
CA VAL A 262 -8.68 -22.34 17.09
C VAL A 262 -9.55 -21.09 17.01
N ASN A 263 -8.93 -19.91 17.13
CA ASN A 263 -9.71 -18.69 17.11
C ASN A 263 -10.24 -18.30 15.73
N PHE A 264 -9.44 -18.53 14.69
CA PHE A 264 -9.90 -18.30 13.31
C PHE A 264 -11.20 -19.06 13.08
N LEU A 265 -11.22 -20.34 13.42
CA LEU A 265 -12.42 -21.16 13.19
C LEU A 265 -13.67 -20.60 13.87
N GLY A 266 -13.54 -20.09 15.10
CA GLY A 266 -14.69 -19.51 15.80
C GLY A 266 -15.28 -18.33 15.03
N PHE A 267 -14.43 -17.39 14.60
CA PHE A 267 -14.92 -16.23 13.85
C PHE A 267 -15.57 -16.65 12.55
N MET A 268 -14.92 -17.57 11.84
CA MET A 268 -15.42 -18.06 10.57
C MET A 268 -16.80 -18.68 10.77
N MET A 269 -16.93 -19.52 11.79
CA MET A 269 -18.16 -20.28 11.94
C MET A 269 -19.33 -19.39 12.38
N ILE A 270 -19.05 -18.38 13.20
CA ILE A 270 -20.11 -17.43 13.56
C ILE A 270 -20.67 -16.80 12.28
N TYR A 271 -19.77 -16.37 11.39
CA TYR A 271 -20.22 -15.79 10.11
C TYR A 271 -21.03 -16.79 9.30
N LEU A 272 -20.50 -18.00 9.13
CA LEU A 272 -21.19 -18.98 8.32
C LEU A 272 -22.58 -19.32 8.90
N SER A 273 -22.68 -19.36 10.22
CA SER A 273 -23.98 -19.65 10.88
C SER A 273 -25.03 -18.60 10.60
N ARG A 274 -24.57 -17.40 10.23
CA ARG A 274 -25.42 -16.25 9.94
C ARG A 274 -25.65 -16.04 8.43
N HIS A 275 -24.99 -16.85 7.59
CA HIS A 275 -25.03 -16.72 6.14
C HIS A 275 -25.27 -18.07 5.48
N PRO A 276 -26.50 -18.60 5.66
CA PRO A 276 -26.83 -19.92 5.14
C PRO A 276 -26.73 -19.99 3.64
N GLU A 277 -26.93 -18.88 2.94
CA GLU A 277 -26.75 -18.87 1.48
C GLU A 277 -25.32 -19.19 1.09
N THR A 278 -24.38 -18.69 1.89
CA THR A 278 -22.98 -18.88 1.63
C THR A 278 -22.59 -20.33 1.91
N VAL A 279 -23.10 -20.86 3.01
CA VAL A 279 -22.91 -22.28 3.30
C VAL A 279 -23.47 -23.13 2.17
N ALA A 280 -24.64 -22.76 1.68
CA ALA A 280 -25.29 -23.56 0.65
C ALA A 280 -24.47 -23.57 -0.63
N GLU A 281 -23.80 -22.46 -0.95
CA GLU A 281 -22.92 -22.42 -2.12
C GLU A 281 -21.80 -23.42 -1.97
N MET A 282 -21.22 -23.51 -0.76
CA MET A 282 -20.13 -24.45 -0.49
C MET A 282 -20.64 -25.88 -0.61
N ARG A 283 -21.84 -26.13 -0.13
CA ARG A 283 -22.40 -27.49 -0.20
C ARG A 283 -22.68 -27.90 -1.65
N ARG A 284 -23.22 -26.99 -2.46
CA ARG A 284 -23.58 -27.31 -3.82
C ARG A 284 -22.37 -27.41 -4.75
N GLU A 285 -21.30 -26.71 -4.42
CA GLU A 285 -20.13 -26.61 -5.29
C GLU A 285 -18.86 -26.87 -4.50
N PRO A 286 -18.44 -28.13 -4.40
CA PRO A 286 -17.29 -28.44 -3.54
C PRO A 286 -15.99 -27.75 -3.98
N LEU A 287 -15.85 -27.46 -5.27
CA LEU A 287 -14.67 -26.72 -5.73
C LEU A 287 -14.71 -25.24 -5.33
N LYS A 288 -15.91 -24.70 -5.13
CA LYS A 288 -16.07 -23.33 -4.64
C LYS A 288 -15.61 -23.25 -3.20
N LEU A 289 -15.91 -24.31 -2.43
CA LEU A 289 -15.42 -24.43 -1.06
C LEU A 289 -13.91 -24.43 -1.07
N GLN A 290 -13.32 -25.35 -1.83
CA GLN A 290 -11.86 -25.46 -1.88
C GLN A 290 -11.18 -24.18 -2.29
N ARG A 291 -11.70 -23.59 -3.36
CA ARG A 291 -11.09 -22.40 -3.94
C ARG A 291 -11.43 -21.15 -3.16
N GLY A 292 -12.38 -21.28 -2.24
CA GLY A 292 -12.87 -20.15 -1.47
C GLY A 292 -12.27 -20.00 -0.09
N VAL A 293 -11.43 -20.96 0.32
CA VAL A 293 -10.85 -20.92 1.65
C VAL A 293 -9.97 -19.69 1.86
N GLU A 294 -9.25 -19.26 0.82
CA GLU A 294 -8.40 -18.07 1.00
C GLU A 294 -9.23 -16.80 1.28
N GLU A 295 -10.42 -16.71 0.69
CA GLU A 295 -11.35 -15.65 1.00
C GLU A 295 -11.71 -15.63 2.49
N LEU A 296 -11.82 -16.81 3.10
CA LEU A 296 -12.07 -16.89 4.52
C LEU A 296 -10.90 -16.33 5.31
N PHE A 297 -9.67 -16.65 4.89
CA PHE A 297 -8.50 -16.06 5.54
C PHE A 297 -8.44 -14.54 5.40
N ARG A 298 -8.86 -14.02 4.26
CA ARG A 298 -8.94 -12.58 4.08
C ARG A 298 -9.89 -11.97 5.09
N ARG A 299 -11.01 -12.65 5.30
CA ARG A 299 -12.12 -12.09 6.07
C ARG A 299 -11.98 -12.22 7.59
N PHE A 300 -11.29 -13.25 8.05
CA PHE A 300 -11.24 -13.56 9.51
C PHE A 300 -9.85 -13.54 10.10
N ALA A 301 -9.10 -12.47 9.82
CA ALA A 301 -7.79 -12.27 10.42
C ALA A 301 -7.88 -12.28 11.94
N VAL A 302 -6.83 -12.76 12.61
CA VAL A 302 -6.85 -12.80 14.07
C VAL A 302 -5.64 -12.18 14.75
N VAL A 303 -4.57 -11.95 14.00
CA VAL A 303 -3.32 -11.46 14.59
C VAL A 303 -3.19 -9.94 14.47
N SER A 304 -2.75 -9.31 15.57
CA SER A 304 -2.38 -7.90 15.58
C SER A 304 -1.07 -7.82 16.33
N ASP A 305 0.05 -7.82 15.61
CA ASP A 305 1.36 -7.77 16.25
C ASP A 305 2.14 -6.59 15.73
N ALA A 306 3.40 -6.47 16.13
CA ALA A 306 4.07 -5.19 15.92
C ALA A 306 5.42 -5.32 15.25
N ARG A 307 6.00 -4.17 14.93
CA ARG A 307 7.39 -4.06 14.53
C ARG A 307 8.00 -2.85 15.22
N TYR A 308 9.33 -2.83 15.25
CA TYR A 308 10.17 -1.82 15.91
C TYR A 308 10.83 -0.94 14.83
N VAL A 309 10.64 0.38 14.92
CA VAL A 309 11.19 1.30 13.94
C VAL A 309 12.71 1.35 14.11
N VAL A 310 13.42 0.96 13.06
CA VAL A 310 14.88 0.84 13.15
C VAL A 310 15.59 2.18 13.25
N SER A 311 15.09 3.18 12.51
CA SER A 311 15.73 4.49 12.45
C SER A 311 14.71 5.58 12.37
N ASP A 312 15.07 6.76 12.89
CA ASP A 312 14.23 7.94 12.70
C ASP A 312 13.91 8.02 11.23
N MET A 313 12.66 8.27 10.90
CA MET A 313 12.24 8.31 9.51
C MET A 313 10.92 9.03 9.35
N GLU A 314 10.60 9.37 8.10
CA GLU A 314 9.24 9.76 7.77
C GLU A 314 8.64 8.62 6.95
N PHE A 315 7.45 8.19 7.31
CA PHE A 315 6.80 7.06 6.66
C PHE A 315 5.33 7.39 6.50
N HIS A 316 4.84 7.37 5.27
CA HIS A 316 3.46 7.74 4.97
C HIS A 316 3.12 9.07 5.67
N GLY A 317 4.00 10.05 5.47
CA GLY A 317 3.80 11.41 5.94
C GLY A 317 3.87 11.56 7.45
N THR A 318 4.35 10.51 8.13
CA THR A 318 4.37 10.48 9.60
C THR A 318 5.80 10.39 10.14
N MET A 319 6.13 11.25 11.09
CA MET A 319 7.45 11.22 11.67
C MET A 319 7.52 10.12 12.72
N LEU A 320 8.45 9.20 12.51
CA LEU A 320 8.69 8.09 13.42
C LEU A 320 10.08 8.20 13.99
N LYS A 321 10.21 7.80 15.26
CA LYS A 321 11.52 7.78 15.94
C LYS A 321 11.97 6.32 16.12
N GLU A 322 13.27 6.14 16.01
CA GLU A 322 13.90 4.87 16.33
C GLU A 322 13.34 4.34 17.65
N GLY A 323 12.93 3.07 17.63
CA GLY A 323 12.39 2.42 18.81
C GLY A 323 10.89 2.50 18.98
N ASP A 324 10.23 3.33 18.17
CA ASP A 324 8.77 3.39 18.18
C ASP A 324 8.24 2.02 17.79
N LEU A 325 7.13 1.61 18.39
CA LEU A 325 6.46 0.38 18.03
C LEU A 325 5.23 0.67 17.19
N ILE A 326 5.03 -0.12 16.14
CA ILE A 326 3.84 0.01 15.30
C ILE A 326 3.07 -1.30 15.34
N LEU A 327 1.82 -1.23 15.80
CA LEU A 327 0.93 -2.35 15.78
C LEU A 327 0.31 -2.46 14.40
N LEU A 328 0.24 -3.70 13.95
CA LEU A 328 -0.24 -4.09 12.63
C LEU A 328 -1.48 -4.97 12.81
N PRO A 329 -2.66 -4.36 12.87
CA PRO A 329 -3.88 -5.16 13.05
C PRO A 329 -4.22 -5.78 11.71
N THR A 330 -3.92 -7.05 11.54
CA THR A 330 -3.97 -7.62 10.20
C THR A 330 -5.36 -7.60 9.60
N ALA A 331 -6.38 -7.51 10.44
CA ALA A 331 -7.75 -7.39 9.92
C ALA A 331 -7.94 -6.14 9.07
N LEU A 332 -7.14 -5.11 9.34
CA LEU A 332 -7.26 -3.87 8.59
C LEU A 332 -6.62 -3.88 7.21
N HIS A 333 -5.99 -4.99 6.83
CA HIS A 333 -5.64 -5.21 5.43
C HIS A 333 -6.78 -5.94 4.71
N GLY A 334 -7.07 -7.15 5.15
CA GLY A 334 -8.15 -7.92 4.54
C GLY A 334 -9.49 -7.24 4.46
N LEU A 335 -9.82 -6.44 5.48
CA LEU A 335 -11.09 -5.75 5.52
C LEU A 335 -11.02 -4.28 5.04
N ASP A 336 -9.87 -3.86 4.54
CA ASP A 336 -9.72 -2.50 4.04
C ASP A 336 -10.58 -2.31 2.79
N ASP A 337 -11.53 -1.37 2.87
CA ASP A 337 -12.40 -1.08 1.75
C ASP A 337 -11.67 -0.43 0.59
N ARG A 338 -10.46 0.04 0.83
CA ARG A 338 -9.61 0.53 -0.26
C ARG A 338 -8.94 -0.62 -1.04
N HIS A 339 -8.93 -1.81 -0.45
CA HIS A 339 -8.43 -3.00 -1.13
C HIS A 339 -9.53 -3.92 -1.64
N HIS A 340 -10.64 -4.00 -0.92
CA HIS A 340 -11.71 -4.96 -1.24
C HIS A 340 -13.06 -4.28 -1.15
N ASP A 341 -13.82 -4.35 -2.23
CA ASP A 341 -15.18 -3.85 -2.22
C ASP A 341 -16.03 -4.77 -1.34
N ASP A 342 -16.93 -4.18 -0.56
CA ASP A 342 -17.78 -4.93 0.37
C ASP A 342 -16.97 -5.89 1.20
N PRO A 343 -16.00 -5.36 1.94
CA PRO A 343 -15.00 -6.22 2.55
C PRO A 343 -15.54 -7.17 3.61
N MET A 344 -16.67 -6.82 4.23
CA MET A 344 -17.18 -7.68 5.31
C MET A 344 -17.96 -8.84 4.73
N THR A 345 -18.24 -8.84 3.44
CA THR A 345 -18.89 -10.05 2.88
C THR A 345 -17.92 -11.05 2.31
N VAL A 346 -18.21 -12.29 2.67
CA VAL A 346 -17.50 -13.39 2.10
C VAL A 346 -18.09 -13.61 0.74
N ASP A 347 -17.24 -13.49 -0.27
CA ASP A 347 -17.60 -13.79 -1.64
C ASP A 347 -16.62 -14.86 -2.10
N LEU A 348 -17.10 -16.11 -2.21
CA LEU A 348 -16.21 -17.22 -2.47
C LEU A 348 -15.53 -17.13 -3.83
N SER A 349 -16.12 -16.37 -4.72
CA SER A 349 -15.57 -16.17 -6.08
C SER A 349 -14.77 -14.90 -6.23
N ARG A 350 -14.50 -14.19 -5.13
CA ARG A 350 -13.71 -12.97 -5.19
C ARG A 350 -12.33 -13.28 -5.80
N ARG A 351 -11.94 -12.56 -6.85
CA ARG A 351 -10.69 -12.91 -7.56
C ARG A 351 -9.44 -12.43 -6.85
N ASP A 352 -9.56 -11.28 -6.18
CA ASP A 352 -8.46 -10.67 -5.48
C ASP A 352 -8.78 -10.81 -4.02
N VAL A 353 -8.05 -11.68 -3.33
CA VAL A 353 -8.28 -11.89 -1.90
C VAL A 353 -7.11 -11.41 -1.06
N THR A 354 -6.30 -10.54 -1.63
CA THR A 354 -5.03 -10.13 -1.01
C THR A 354 -5.22 -9.69 0.42
N HIS A 355 -4.38 -10.22 1.31
CA HIS A 355 -4.57 -9.95 2.73
C HIS A 355 -3.24 -10.18 3.44
N SER A 356 -3.18 -9.80 4.71
CA SER A 356 -1.98 -10.00 5.57
C SER A 356 -2.34 -10.84 6.78
N THR A 357 -3.31 -11.71 6.60
CA THR A 357 -3.71 -12.60 7.67
C THR A 357 -2.56 -13.49 8.15
N PHE A 358 -1.67 -13.83 7.20
CA PHE A 358 -0.47 -14.58 7.49
C PHE A 358 0.75 -13.66 7.44
N ALA A 359 0.52 -12.36 7.55
CA ALA A 359 1.54 -11.33 7.37
C ALA A 359 2.16 -11.36 5.97
N GLN A 360 3.37 -10.80 5.83
CA GLN A 360 4.08 -10.76 4.57
C GLN A 360 5.55 -10.81 4.92
N GLY A 361 6.38 -10.89 3.90
CA GLY A 361 7.82 -10.76 4.11
C GLY A 361 8.41 -12.06 4.63
N PRO A 362 9.59 -11.97 5.24
CA PRO A 362 10.31 -13.19 5.63
C PRO A 362 9.58 -14.04 6.65
N HIS A 363 8.77 -13.42 7.50
CA HIS A 363 8.08 -14.14 8.55
C HIS A 363 6.69 -14.63 8.13
N ARG A 364 6.30 -14.43 6.87
CA ARG A 364 4.97 -14.84 6.45
C ARG A 364 4.68 -16.27 6.94
N CYS A 365 3.54 -16.45 7.59
CA CYS A 365 3.30 -17.65 8.40
C CYS A 365 3.84 -18.95 7.85
N ALA A 366 4.71 -19.60 8.62
CA ALA A 366 5.25 -20.92 8.24
C ALA A 366 4.18 -22.00 8.30
N GLY A 367 3.14 -21.76 9.06
CA GLY A 367 2.06 -22.72 9.25
C GLY A 367 0.92 -22.52 8.26
N MET A 368 1.11 -21.67 7.25
CA MET A 368 -0.05 -21.30 6.41
C MET A 368 -0.62 -22.49 5.65
N HIS A 369 0.24 -23.41 5.20
CA HIS A 369 -0.25 -24.57 4.47
C HIS A 369 -1.09 -25.46 5.38
N LEU A 370 -0.60 -25.65 6.61
CA LEU A 370 -1.31 -26.43 7.61
C LEU A 370 -2.65 -25.76 7.97
N ALA A 371 -2.64 -24.45 8.16
CA ALA A 371 -3.86 -23.72 8.48
C ALA A 371 -4.90 -23.91 7.37
N ARG A 372 -4.47 -23.77 6.12
CA ARG A 372 -5.38 -23.87 4.98
C ARG A 372 -5.97 -25.27 4.92
N LEU A 373 -5.14 -26.27 5.17
CA LEU A 373 -5.58 -27.66 5.10
C LEU A 373 -6.57 -27.98 6.22
N GLU A 374 -6.26 -27.54 7.44
CA GLU A 374 -7.17 -27.77 8.55
C GLU A 374 -8.53 -27.16 8.27
N VAL A 375 -8.54 -25.93 7.76
CA VAL A 375 -9.82 -25.27 7.51
C VAL A 375 -10.58 -25.97 6.40
N THR A 376 -9.89 -26.32 5.33
CA THR A 376 -10.51 -26.99 4.18
C THR A 376 -11.14 -28.29 4.63
N VAL A 377 -10.38 -29.08 5.38
CA VAL A 377 -10.85 -30.39 5.81
C VAL A 377 -12.01 -30.23 6.77
N MET A 378 -11.90 -29.30 7.70
CA MET A 378 -12.97 -29.02 8.62
C MET A 378 -14.29 -28.72 7.92
N LEU A 379 -14.26 -27.81 6.95
CA LEU A 379 -15.46 -27.44 6.23
C LEU A 379 -16.04 -28.61 5.44
N GLN A 380 -15.19 -29.36 4.77
CA GLN A 380 -15.64 -30.54 4.04
C GLN A 380 -16.36 -31.54 4.93
N GLU A 381 -15.76 -31.84 6.07
CA GLU A 381 -16.32 -32.88 6.92
C GLU A 381 -17.50 -32.36 7.73
N TRP A 382 -17.47 -31.08 8.07
CA TRP A 382 -18.60 -30.44 8.71
C TRP A 382 -19.82 -30.48 7.80
N LEU A 383 -19.69 -29.91 6.59
CA LEU A 383 -20.83 -29.83 5.69
C LEU A 383 -21.33 -31.19 5.21
N ALA A 384 -20.47 -32.19 5.18
CA ALA A 384 -20.90 -33.54 4.81
C ALA A 384 -21.91 -34.07 5.83
N ARG A 385 -21.78 -33.63 7.08
CA ARG A 385 -22.49 -34.26 8.20
C ARG A 385 -23.55 -33.36 8.84
N ILE A 386 -23.35 -32.06 8.67
CA ILE A 386 -24.20 -31.02 9.25
C ILE A 386 -24.30 -29.92 8.13
N PRO A 387 -25.07 -30.21 7.08
CA PRO A 387 -25.10 -29.35 5.88
C PRO A 387 -25.68 -27.96 6.13
N GLU A 388 -26.62 -27.87 7.08
CA GLU A 388 -27.29 -26.62 7.41
C GLU A 388 -27.19 -26.39 8.91
N PHE A 389 -27.06 -25.14 9.34
CA PHE A 389 -26.94 -24.82 10.77
C PHE A 389 -27.07 -23.32 11.01
N ARG A 390 -27.42 -22.97 12.24
CA ARG A 390 -27.62 -21.57 12.61
C ARG A 390 -27.10 -21.32 14.00
N LEU A 391 -26.89 -20.05 14.33
CA LEU A 391 -26.58 -19.65 15.69
C LEU A 391 -27.88 -19.66 16.48
N LYS A 392 -27.84 -20.23 17.67
CA LYS A 392 -29.00 -20.22 18.56
C LYS A 392 -29.61 -18.82 18.68
N ASP A 393 -30.93 -18.76 18.68
CA ASP A 393 -31.62 -17.49 18.78
C ASP A 393 -31.18 -16.70 20.00
N ARG A 394 -30.87 -15.43 19.74
CA ARG A 394 -30.46 -14.46 20.77
C ARG A 394 -29.12 -14.76 21.42
N ALA A 395 -28.37 -15.74 20.91
CA ALA A 395 -27.06 -16.03 21.46
C ALA A 395 -26.10 -14.88 21.23
N VAL A 396 -25.23 -14.66 22.19
CA VAL A 396 -24.23 -13.59 22.12
C VAL A 396 -22.82 -14.14 22.36
N PRO A 397 -22.04 -14.30 21.29
CA PRO A 397 -20.65 -14.72 21.48
C PRO A 397 -19.91 -13.67 22.28
N ILE A 398 -18.85 -14.11 22.95
CA ILE A 398 -18.02 -13.25 23.79
C ILE A 398 -16.67 -13.13 23.12
N TYR A 399 -16.23 -11.88 22.98
CA TYR A 399 -15.06 -11.58 22.19
C TYR A 399 -13.90 -11.08 23.03
N HIS A 400 -12.70 -11.40 22.58
CA HIS A 400 -11.46 -10.95 23.22
C HIS A 400 -10.52 -10.39 22.17
N SER A 401 -9.87 -9.26 22.48
CA SER A 401 -8.89 -8.69 21.56
C SER A 401 -7.51 -8.70 22.23
N GLY A 402 -6.47 -8.71 21.43
CA GLY A 402 -5.11 -8.72 21.94
C GLY A 402 -4.20 -9.00 20.79
N ILE A 403 -3.07 -9.67 21.03
CA ILE A 403 -2.17 -9.99 19.93
C ILE A 403 -2.80 -11.04 19.01
N VAL A 404 -3.54 -11.96 19.62
CA VAL A 404 -4.39 -12.88 18.89
C VAL A 404 -5.80 -12.79 19.47
N ALA A 405 -6.76 -12.57 18.58
CA ALA A 405 -8.17 -12.46 18.95
C ALA A 405 -8.71 -13.80 19.40
N ALA A 406 -9.74 -13.78 20.22
CA ALA A 406 -10.42 -15.00 20.59
C ALA A 406 -11.92 -14.76 20.71
N VAL A 407 -12.64 -15.86 20.69
CA VAL A 407 -14.09 -15.80 20.77
C VAL A 407 -14.58 -17.08 21.41
N GLU A 408 -15.59 -16.94 22.26
CA GLU A 408 -16.24 -18.10 22.85
C GLU A 408 -17.75 -17.93 22.83
N ASN A 409 -18.44 -19.01 23.17
CA ASN A 409 -19.89 -19.06 23.21
C ASN A 409 -20.51 -18.96 21.82
N ILE A 410 -20.46 -20.09 21.10
CA ILE A 410 -20.95 -20.20 19.74
C ILE A 410 -21.94 -21.38 19.69
N PRO A 411 -23.12 -21.20 20.29
CA PRO A 411 -24.11 -22.29 20.30
C PRO A 411 -24.78 -22.44 18.94
N LEU A 412 -24.54 -23.58 18.30
CA LEU A 412 -25.11 -23.86 17.00
C LEU A 412 -26.27 -24.83 17.10
N GLU A 413 -27.20 -24.72 16.16
CA GLU A 413 -28.36 -25.60 16.14
C GLU A 413 -28.61 -26.04 14.71
N TRP A 414 -29.09 -27.28 14.55
CA TRP A 414 -29.48 -27.78 13.23
C TRP A 414 -30.45 -28.94 13.39
N GLU A 415 -31.12 -29.28 12.29
CA GLU A 415 -31.95 -30.50 12.27
C GLU A 415 -31.06 -31.64 11.80
N PRO A 416 -30.85 -32.65 12.67
CA PRO A 416 -29.97 -33.76 12.28
C PRO A 416 -30.38 -34.41 10.95
N GLN A 417 -29.42 -34.71 10.08
CA GLN A 417 -29.76 -35.29 8.78
C GLN A 417 -29.74 -36.81 8.81
N LYS B 11 -6.10 1.85 -35.48
CA LYS B 11 -5.09 1.88 -34.42
C LYS B 11 -4.20 0.63 -34.48
N HIS B 12 -2.92 0.81 -34.18
CA HIS B 12 -1.96 -0.30 -34.12
C HIS B 12 -2.32 -1.19 -32.93
N ARG B 13 -2.34 -2.50 -33.18
CA ARG B 13 -2.69 -3.46 -32.15
C ARG B 13 -1.64 -4.55 -32.10
N VAL B 14 -1.33 -5.01 -30.88
CA VAL B 14 -0.50 -6.19 -30.70
C VAL B 14 -1.34 -7.30 -30.06
N ALA B 15 -1.03 -8.55 -30.36
CA ALA B 15 -1.72 -9.69 -29.72
C ALA B 15 -1.27 -9.82 -28.27
N PRO B 16 -2.20 -10.06 -27.35
CA PRO B 16 -1.75 -10.21 -25.96
C PRO B 16 -0.91 -11.46 -25.75
N PRO B 17 -0.01 -11.43 -24.75
CA PRO B 17 0.77 -12.64 -24.47
C PRO B 17 -0.09 -13.72 -23.85
N PRO B 18 0.42 -14.97 -23.85
CA PRO B 18 -0.38 -16.10 -23.40
C PRO B 18 -0.96 -15.97 -21.99
N HIS B 19 -0.31 -15.23 -21.10
CA HIS B 19 -0.74 -15.19 -19.73
C HIS B 19 -1.88 -14.21 -19.46
N VAL B 20 -2.25 -13.41 -20.45
CA VAL B 20 -3.36 -12.47 -20.30
C VAL B 20 -4.68 -13.13 -20.70
N PRO B 21 -5.58 -13.30 -19.74
CA PRO B 21 -6.85 -13.93 -20.08
C PRO B 21 -7.77 -12.98 -20.79
N GLY B 22 -8.66 -13.53 -21.62
CA GLY B 22 -9.48 -12.71 -22.48
C GLY B 22 -10.34 -11.70 -21.73
N HIS B 23 -10.81 -12.06 -20.53
CA HIS B 23 -11.73 -11.19 -19.82
C HIS B 23 -11.04 -9.97 -19.23
N LEU B 24 -9.71 -9.93 -19.28
CA LEU B 24 -8.97 -8.76 -18.77
C LEU B 24 -8.56 -7.76 -19.85
N ILE B 25 -8.89 -8.06 -21.10
CA ILE B 25 -8.56 -7.16 -22.19
C ILE B 25 -9.51 -5.98 -22.20
N ARG B 26 -8.93 -4.79 -22.32
CA ARG B 26 -9.68 -3.56 -22.55
C ARG B 26 -8.97 -2.72 -23.59
N GLU B 27 -9.74 -2.18 -24.54
CA GLU B 27 -9.19 -1.40 -25.64
C GLU B 27 -9.04 0.04 -25.17
N ILE B 28 -7.93 0.31 -24.52
CA ILE B 28 -7.67 1.61 -23.93
C ILE B 28 -6.39 2.19 -24.55
N ASP B 29 -6.53 3.39 -25.09
CA ASP B 29 -5.46 4.08 -25.79
C ASP B 29 -5.02 5.27 -24.98
N ALA B 30 -3.93 5.10 -24.23
CA ALA B 30 -3.41 6.15 -23.34
C ALA B 30 -3.12 7.46 -24.07
N TYR B 31 -2.83 7.37 -25.36
CA TYR B 31 -2.46 8.56 -26.12
C TYR B 31 -3.64 9.18 -26.85
N ASP B 32 -4.82 8.59 -26.70
CA ASP B 32 -6.03 9.12 -27.32
C ASP B 32 -7.23 8.45 -26.71
N LEU B 33 -7.47 8.71 -25.44
CA LEU B 33 -8.51 8.02 -24.69
C LEU B 33 -9.89 8.23 -25.29
N ASP B 34 -10.69 7.17 -25.24
CA ASP B 34 -12.08 7.29 -25.59
C ASP B 34 -12.72 8.33 -24.66
N GLY B 35 -13.45 9.26 -25.24
CA GLY B 35 -14.11 10.29 -24.47
C GLY B 35 -13.24 11.48 -24.11
N LEU B 36 -12.03 11.51 -24.64
CA LEU B 36 -11.06 12.55 -24.32
C LEU B 36 -11.60 13.94 -24.57
N GLU B 37 -12.41 14.11 -25.63
CA GLU B 37 -12.88 15.46 -25.97
C GLU B 37 -13.79 16.10 -24.91
N GLN B 38 -14.32 15.28 -24.00
CA GLN B 38 -15.11 15.80 -22.89
C GLN B 38 -14.22 16.05 -21.67
N GLY B 39 -12.95 15.66 -21.76
CA GLY B 39 -11.98 15.97 -20.73
C GLY B 39 -11.13 14.76 -20.39
N PHE B 40 -9.87 15.03 -20.09
CA PHE B 40 -8.87 14.04 -19.70
C PHE B 40 -9.27 13.26 -18.46
N HIS B 41 -9.63 13.95 -17.37
CA HIS B 41 -9.95 13.27 -16.11
C HIS B 41 -11.20 12.44 -16.28
N GLU B 42 -12.17 13.00 -16.99
CA GLU B 42 -13.41 12.32 -17.26
C GLU B 42 -13.16 11.04 -18.08
N ALA B 43 -12.27 11.16 -19.06
CA ALA B 43 -11.96 10.04 -19.94
C ALA B 43 -11.29 8.90 -19.13
N TRP B 44 -10.39 9.23 -18.22
CA TRP B 44 -9.79 8.15 -17.40
C TRP B 44 -10.84 7.57 -16.46
N LYS B 45 -11.69 8.41 -15.92
CA LYS B 45 -12.73 7.93 -15.02
C LYS B 45 -13.67 6.94 -15.69
N ARG B 46 -13.86 7.04 -17.01
CA ARG B 46 -14.68 6.07 -17.73
C ARG B 46 -14.13 4.65 -17.60
N VAL B 47 -12.81 4.55 -17.47
CA VAL B 47 -12.14 3.25 -17.36
C VAL B 47 -12.43 2.61 -16.00
N GLN B 48 -12.64 3.45 -14.99
CA GLN B 48 -12.76 3.01 -13.60
C GLN B 48 -14.22 2.82 -13.21
N GLN B 49 -14.79 1.71 -13.66
CA GLN B 49 -16.15 1.34 -13.33
C GLN B 49 -16.16 0.43 -12.11
N PRO B 50 -17.33 0.29 -11.46
CA PRO B 50 -17.36 -0.38 -10.17
C PRO B 50 -16.79 -1.79 -10.23
N ASP B 51 -17.02 -2.49 -11.33
CA ASP B 51 -16.57 -3.88 -11.41
C ASP B 51 -15.34 -4.08 -12.31
N THR B 52 -14.65 -3.02 -12.70
CA THR B 52 -13.54 -3.30 -13.64
C THR B 52 -12.37 -3.87 -12.84
N PRO B 53 -11.71 -4.87 -13.43
CA PRO B 53 -10.64 -5.53 -12.71
C PRO B 53 -9.53 -4.54 -12.37
N PRO B 54 -8.79 -4.83 -11.30
CA PRO B 54 -7.76 -3.87 -10.85
C PRO B 54 -6.62 -3.67 -11.83
N LEU B 55 -6.33 -4.70 -12.63
CA LEU B 55 -5.38 -4.60 -13.73
C LEU B 55 -6.06 -5.08 -14.98
N VAL B 56 -6.02 -4.25 -16.02
CA VAL B 56 -6.55 -4.64 -17.34
C VAL B 56 -5.44 -4.48 -18.36
N TRP B 57 -5.55 -5.23 -19.46
CA TRP B 57 -4.52 -5.24 -20.48
C TRP B 57 -5.04 -4.67 -21.77
N THR B 58 -4.28 -3.76 -22.36
CA THR B 58 -4.67 -3.14 -23.63
C THR B 58 -3.73 -3.55 -24.73
N PRO B 59 -4.27 -3.82 -25.94
CA PRO B 59 -3.45 -4.18 -27.09
C PRO B 59 -2.83 -3.00 -27.82
N PHE B 60 -3.20 -1.78 -27.43
CA PHE B 60 -2.68 -0.57 -28.01
C PHE B 60 -1.36 -0.18 -27.35
N THR B 61 -0.65 0.72 -28.02
CA THR B 61 0.56 1.31 -27.48
C THR B 61 1.56 0.21 -27.13
N GLY B 62 1.61 -0.83 -27.97
CA GLY B 62 2.58 -1.90 -27.82
C GLY B 62 2.19 -3.03 -26.88
N GLY B 63 1.05 -2.86 -26.21
CA GLY B 63 0.53 -3.89 -25.32
C GLY B 63 1.05 -3.69 -23.92
N HIS B 64 0.14 -3.39 -22.98
CA HIS B 64 0.56 -3.17 -21.59
C HIS B 64 -0.62 -3.25 -20.64
N TRP B 65 -0.30 -3.38 -19.37
CA TRP B 65 -1.31 -3.37 -18.33
C TRP B 65 -1.63 -1.94 -17.98
N ILE B 66 -2.81 -1.76 -17.40
CA ILE B 66 -3.19 -0.51 -16.76
C ILE B 66 -3.77 -0.80 -15.37
N ALA B 67 -3.21 -0.18 -14.34
CA ALA B 67 -3.78 -0.23 -13.00
C ALA B 67 -4.98 0.71 -12.95
N THR B 68 -6.11 0.20 -12.46
CA THR B 68 -7.34 0.95 -12.52
C THR B 68 -7.85 1.40 -11.17
N ARG B 69 -7.09 1.13 -10.13
CA ARG B 69 -7.44 1.51 -8.76
C ARG B 69 -6.31 2.26 -8.10
N GLY B 70 -6.69 3.27 -7.32
CA GLY B 70 -5.73 4.08 -6.60
C GLY B 70 -4.86 3.26 -5.68
N THR B 71 -5.44 2.23 -5.08
CA THR B 71 -4.68 1.38 -4.19
C THR B 71 -3.46 0.76 -4.89
N LEU B 72 -3.64 0.28 -6.13
CA LEU B 72 -2.54 -0.37 -6.84
C LEU B 72 -1.50 0.62 -7.29
N ILE B 73 -1.97 1.79 -7.68
CA ILE B 73 -1.08 2.84 -8.13
C ILE B 73 -0.14 3.24 -7.00
N ASP B 74 -0.70 3.47 -5.83
CA ASP B 74 0.08 3.82 -4.66
C ASP B 74 1.06 2.70 -4.29
N GLU B 75 0.57 1.47 -4.30
CA GLU B 75 1.35 0.30 -3.91
C GLU B 75 2.50 0.03 -4.87
N ILE B 76 2.24 0.17 -6.17
CA ILE B 76 3.25 -0.07 -7.17
C ILE B 76 4.37 0.96 -7.07
N TYR B 77 4.01 2.23 -6.98
CA TYR B 77 5.03 3.26 -6.85
C TYR B 77 5.91 3.05 -5.61
N ARG B 78 5.34 2.52 -4.54
CA ARG B 78 6.07 2.35 -3.28
C ARG B 78 6.96 1.11 -3.25
N SER B 79 6.92 0.30 -4.31
CA SER B 79 7.58 -1.02 -4.35
C SER B 79 8.58 -1.19 -5.50
N PRO B 80 9.66 -0.41 -5.48
CA PRO B 80 10.64 -0.44 -6.58
C PRO B 80 11.30 -1.78 -6.73
N GLU B 81 11.36 -2.55 -5.65
CA GLU B 81 11.97 -3.86 -5.72
C GLU B 81 11.17 -4.83 -6.57
N ARG B 82 9.86 -4.62 -6.67
CA ARG B 82 8.98 -5.48 -7.44
C ARG B 82 8.55 -4.86 -8.76
N PHE B 83 8.56 -3.53 -8.80
CA PHE B 83 8.13 -2.76 -9.97
C PHE B 83 9.18 -1.69 -10.23
N SER B 84 10.04 -2.00 -11.19
CA SER B 84 11.25 -1.23 -11.47
C SER B 84 11.03 -0.05 -12.39
N SER B 85 11.88 0.96 -12.24
CA SER B 85 11.87 2.11 -13.14
C SER B 85 12.76 1.90 -14.38
N ARG B 86 13.22 0.67 -14.59
CA ARG B 86 13.93 0.23 -15.81
C ARG B 86 13.25 0.74 -17.09
N VAL B 87 11.92 0.66 -17.08
CA VAL B 87 11.08 1.24 -18.12
C VAL B 87 9.92 1.94 -17.44
N ILE B 88 9.73 3.24 -17.72
CA ILE B 88 8.63 3.99 -17.11
C ILE B 88 7.72 4.68 -18.14
N TRP B 89 7.95 4.37 -19.41
CA TRP B 89 7.15 4.89 -20.51
C TRP B 89 6.49 3.76 -21.25
N VAL B 90 5.34 4.07 -21.86
CA VAL B 90 4.79 3.23 -22.93
C VAL B 90 4.79 4.11 -24.17
N PRO B 91 4.97 3.50 -25.35
CA PRO B 91 5.23 2.08 -25.54
C PRO B 91 6.65 1.75 -25.10
N ARG B 92 6.91 0.45 -24.97
CA ARG B 92 8.20 -0.05 -24.54
C ARG B 92 9.35 0.56 -25.31
N GLU B 93 9.19 0.67 -26.64
CA GLU B 93 10.24 1.25 -27.47
C GLU B 93 10.62 2.65 -27.00
N ALA B 94 9.61 3.43 -26.67
CA ALA B 94 9.89 4.78 -26.16
C ALA B 94 10.51 4.69 -24.76
N GLY B 95 10.01 3.75 -23.97
CA GLY B 95 10.54 3.51 -22.64
C GLY B 95 11.99 3.06 -22.62
N GLU B 96 12.40 2.32 -23.64
CA GLU B 96 13.80 1.89 -23.70
C GLU B 96 14.72 3.02 -24.20
N ALA B 97 14.17 3.95 -24.97
CA ALA B 97 14.98 5.06 -25.51
C ALA B 97 15.10 6.19 -24.48
N TYR B 98 14.17 6.20 -23.54
CA TYR B 98 14.13 7.20 -22.48
C TYR B 98 15.42 7.19 -21.69
N ASP B 99 16.05 8.36 -21.58
CA ASP B 99 17.35 8.47 -20.92
C ASP B 99 17.36 9.76 -20.11
N MET B 100 16.70 9.71 -18.96
CA MET B 100 16.64 10.83 -18.04
C MET B 100 17.03 10.29 -16.68
N VAL B 101 17.64 11.13 -15.87
CA VAL B 101 18.18 10.72 -14.57
C VAL B 101 17.60 11.62 -13.48
N PRO B 102 17.19 11.04 -12.33
CA PRO B 102 17.32 9.64 -11.90
C PRO B 102 16.05 8.83 -12.11
N THR B 103 15.15 9.26 -13.00
CA THR B 103 13.87 8.57 -13.16
C THR B 103 13.98 7.21 -13.78
N LYS B 104 15.11 6.93 -14.43
CA LYS B 104 15.32 5.59 -14.96
C LYS B 104 16.01 4.65 -13.96
N LEU B 105 16.36 5.19 -12.80
CA LEU B 105 17.11 4.44 -11.81
C LEU B 105 16.26 3.92 -10.65
N ASP B 106 16.64 2.76 -10.12
CA ASP B 106 16.06 2.25 -8.89
C ASP B 106 17.09 2.49 -7.79
N PRO B 107 16.62 2.52 -6.53
CA PRO B 107 17.60 2.50 -5.42
C PRO B 107 18.39 1.20 -5.49
N PRO B 108 19.69 1.22 -5.14
CA PRO B 108 20.48 2.34 -4.61
C PRO B 108 21.08 3.32 -5.61
N GLU B 109 21.10 2.99 -6.91
CA GLU B 109 21.71 3.88 -7.90
C GLU B 109 21.00 5.24 -7.91
N HIS B 110 19.70 5.21 -7.66
CA HIS B 110 18.85 6.39 -7.66
C HIS B 110 19.23 7.37 -6.57
N THR B 111 19.63 6.86 -5.41
CA THR B 111 19.57 7.72 -4.24
C THR B 111 20.57 8.88 -4.23
N PRO B 112 21.84 8.67 -4.66
CA PRO B 112 22.72 9.86 -4.61
C PRO B 112 22.31 10.94 -5.62
N TYR B 113 21.66 10.55 -6.69
CA TYR B 113 21.13 11.51 -7.68
C TYR B 113 19.93 12.26 -7.16
N ARG B 114 19.05 11.57 -6.43
CA ARG B 114 17.94 12.27 -5.82
C ARG B 114 18.44 13.22 -4.74
N LYS B 115 19.49 12.81 -4.02
CA LYS B 115 20.07 13.70 -3.01
C LYS B 115 20.57 14.99 -3.63
N ALA B 116 21.20 14.86 -4.80
CA ALA B 116 21.70 16.03 -5.53
C ALA B 116 20.55 16.96 -5.93
N ILE B 117 19.51 16.39 -6.49
CA ILE B 117 18.35 17.19 -6.86
C ILE B 117 17.75 17.91 -5.67
N ASP B 118 17.60 17.19 -4.56
CA ASP B 118 17.02 17.77 -3.34
C ASP B 118 17.82 18.95 -2.79
N LYS B 119 19.12 18.98 -3.03
CA LYS B 119 19.94 20.13 -2.62
C LYS B 119 19.45 21.43 -3.27
N GLY B 120 18.89 21.30 -4.48
CA GLY B 120 18.30 22.42 -5.19
C GLY B 120 16.82 22.66 -4.95
N LEU B 121 16.05 21.60 -4.79
CA LEU B 121 14.58 21.71 -4.81
C LEU B 121 13.90 21.48 -3.47
N ASN B 122 14.68 21.33 -2.40
CA ASN B 122 14.07 21.10 -1.11
C ASN B 122 13.23 22.30 -0.69
N LEU B 123 12.34 22.07 0.28
CA LEU B 123 11.38 23.08 0.67
C LEU B 123 12.03 24.39 1.09
N ALA B 124 13.11 24.32 1.87
CA ALA B 124 13.77 25.53 2.36
C ALA B 124 14.29 26.36 1.19
N GLU B 125 14.82 25.68 0.19
CA GLU B 125 15.30 26.38 -0.99
C GLU B 125 14.16 27.01 -1.77
N ILE B 126 13.07 26.26 -1.93
CA ILE B 126 11.93 26.78 -2.69
C ILE B 126 11.33 28.00 -2.00
N ARG B 127 11.31 27.99 -0.67
CA ARG B 127 10.74 29.11 0.08
C ARG B 127 11.41 30.43 -0.27
N LYS B 128 12.70 30.36 -0.61
CA LYS B 128 13.45 31.55 -0.94
C LYS B 128 12.99 32.21 -2.22
N LEU B 129 12.26 31.46 -3.04
CA LEU B 129 11.88 31.91 -4.38
C LEU B 129 10.56 32.63 -4.42
N GLU B 130 9.86 32.68 -3.29
CA GLU B 130 8.49 33.19 -3.28
C GLU B 130 8.35 34.58 -3.89
N ASP B 131 9.17 35.54 -3.47
CA ASP B 131 9.09 36.91 -3.99
C ASP B 131 9.26 36.96 -5.51
N GLN B 132 10.25 36.24 -6.01
CA GLN B 132 10.52 36.22 -7.43
C GLN B 132 9.35 35.59 -8.21
N ILE B 133 8.82 34.50 -7.68
CA ILE B 133 7.69 33.82 -8.31
C ILE B 133 6.47 34.73 -8.33
N ARG B 134 6.24 35.45 -7.23
CA ARG B 134 5.12 36.40 -7.19
C ARG B 134 5.31 37.50 -8.24
N THR B 135 6.52 38.02 -8.32
CA THR B 135 6.81 39.12 -9.23
C THR B 135 6.56 38.72 -10.68
N ILE B 136 6.93 37.50 -11.04
CA ILE B 136 6.68 36.97 -12.38
C ILE B 136 5.17 36.76 -12.63
N ALA B 137 4.47 36.16 -11.67
CA ALA B 137 3.03 35.97 -11.83
C ALA B 137 2.33 37.28 -12.11
N VAL B 138 2.67 38.31 -11.34
CA VAL B 138 2.04 39.62 -11.42
C VAL B 138 2.35 40.26 -12.74
N GLU B 139 3.61 40.16 -13.17
CA GLU B 139 4.06 40.74 -14.42
C GLU B 139 3.16 40.28 -15.55
N ILE B 140 2.87 38.99 -15.56
CA ILE B 140 2.04 38.38 -16.61
C ILE B 140 0.57 38.77 -16.45
N ILE B 141 0.04 38.59 -15.25
CA ILE B 141 -1.36 38.91 -14.99
C ILE B 141 -1.72 40.36 -15.29
N GLU B 142 -0.86 41.29 -14.93
CA GLU B 142 -1.11 42.69 -15.25
C GLU B 142 -1.30 42.94 -16.74
N GLY B 143 -0.74 42.06 -17.56
CA GLY B 143 -0.76 42.24 -19.00
C GLY B 143 -2.17 42.18 -19.58
N PHE B 144 -3.06 41.44 -18.92
CA PHE B 144 -4.42 41.25 -19.41
C PHE B 144 -5.54 41.49 -18.38
N ALA B 145 -5.19 41.75 -17.13
CA ALA B 145 -6.22 41.89 -16.09
C ALA B 145 -7.26 42.96 -16.44
N ASP B 146 -6.81 44.09 -17.02
CA ASP B 146 -7.71 45.21 -17.35
C ASP B 146 -8.54 44.95 -18.61
N ARG B 147 -8.15 43.95 -19.38
CA ARG B 147 -8.74 43.69 -20.70
C ARG B 147 -10.09 42.96 -20.60
N GLY B 148 -10.28 42.15 -19.56
CA GLY B 148 -11.53 41.44 -19.37
C GLY B 148 -11.58 40.11 -20.12
N HIS B 149 -10.45 39.71 -20.68
CA HIS B 149 -10.37 38.43 -21.37
C HIS B 149 -8.93 38.01 -21.60
N CYS B 150 -8.72 36.70 -21.66
CA CYS B 150 -7.47 36.15 -22.10
C CYS B 150 -7.65 34.71 -22.53
N GLU B 151 -6.74 34.25 -23.38
CA GLU B 151 -6.70 32.82 -23.68
C GLU B 151 -5.68 32.27 -22.69
N PHE B 152 -6.19 31.66 -21.64
CA PHE B 152 -5.39 31.35 -20.45
C PHE B 152 -4.18 30.45 -20.74
N GLY B 153 -4.31 29.56 -21.71
CA GLY B 153 -3.22 28.70 -22.11
C GLY B 153 -2.01 29.45 -22.65
N SER B 154 -2.23 30.11 -23.77
CA SER B 154 -1.14 30.81 -24.44
C SER B 154 -0.69 32.04 -23.65
N GLU B 155 -1.58 32.64 -22.86
CA GLU B 155 -1.23 33.90 -22.18
C GLU B 155 -0.79 33.74 -20.73
N PHE B 156 -1.04 32.57 -20.14
CA PHE B 156 -0.63 32.35 -18.76
C PHE B 156 -0.05 30.97 -18.43
N SER B 157 -0.83 29.91 -18.58
CA SER B 157 -0.36 28.61 -18.06
C SER B 157 0.91 28.13 -18.77
N THR B 158 1.05 28.42 -20.07
CA THR B 158 2.26 28.01 -20.80
C THR B 158 3.42 28.96 -20.57
N VAL B 159 3.14 30.10 -19.93
CA VAL B 159 4.11 31.17 -19.75
C VAL B 159 4.70 31.16 -18.34
N PHE B 160 3.82 31.21 -17.34
CA PHE B 160 4.25 31.45 -15.96
C PHE B 160 5.24 30.41 -15.42
N PRO B 161 4.89 29.11 -15.46
CA PRO B 161 5.81 28.15 -14.84
C PRO B 161 7.14 28.04 -15.58
N VAL B 162 7.08 28.28 -16.89
CA VAL B 162 8.28 28.22 -17.72
C VAL B 162 9.20 29.41 -17.43
N ARG B 163 8.63 30.59 -17.31
CA ARG B 163 9.35 31.78 -16.91
C ARG B 163 10.04 31.59 -15.55
N VAL B 164 9.30 31.06 -14.58
CA VAL B 164 9.86 30.75 -13.28
C VAL B 164 11.01 29.77 -13.40
N PHE B 165 10.80 28.69 -14.14
CA PHE B 165 11.84 27.67 -14.14
C PHE B 165 13.10 28.13 -14.85
N LEU B 166 12.94 28.78 -15.99
CA LEU B 166 14.12 29.26 -16.71
C LEU B 166 14.88 30.32 -15.92
N ALA B 167 14.16 31.16 -15.19
CA ALA B 167 14.80 32.11 -14.30
C ALA B 167 15.61 31.39 -13.22
N LEU B 168 15.00 30.41 -12.59
CA LEU B 168 15.63 29.59 -11.57
C LEU B 168 16.86 28.88 -12.11
N ALA B 169 16.77 28.37 -13.32
CA ALA B 169 17.84 27.58 -13.94
C ALA B 169 18.86 28.47 -14.62
N GLY B 170 18.61 29.78 -14.63
CA GLY B 170 19.52 30.74 -15.24
C GLY B 170 19.66 30.57 -16.74
N LEU B 171 18.55 30.29 -17.41
CA LEU B 171 18.57 30.03 -18.84
C LEU B 171 17.74 31.08 -19.58
N PRO B 172 18.05 31.29 -20.87
CA PRO B 172 17.33 32.27 -21.67
C PRO B 172 15.83 31.99 -21.77
N VAL B 173 15.03 32.98 -21.41
CA VAL B 173 13.58 32.92 -21.58
C VAL B 173 13.18 32.60 -23.02
N GLU B 174 14.00 33.05 -23.97
CA GLU B 174 13.73 32.85 -25.39
C GLU B 174 13.80 31.39 -25.78
N ASP B 175 14.37 30.54 -24.92
CA ASP B 175 14.47 29.12 -25.24
C ASP B 175 13.17 28.35 -24.91
N ALA B 176 12.18 29.04 -24.33
CA ALA B 176 10.96 28.38 -23.87
C ALA B 176 10.29 27.61 -25.00
N THR B 177 10.19 28.24 -26.16
CA THR B 177 9.46 27.64 -27.26
C THR B 177 10.11 26.34 -27.73
N LYS B 178 11.40 26.36 -28.01
CA LYS B 178 12.07 25.17 -28.53
C LYS B 178 12.12 24.05 -27.49
N LEU B 179 12.29 24.42 -26.22
CA LEU B 179 12.26 23.42 -25.15
C LEU B 179 10.86 22.84 -24.94
N GLY B 180 9.83 23.67 -25.05
CA GLY B 180 8.46 23.17 -24.99
C GLY B 180 8.22 22.13 -26.06
N LEU B 181 8.76 22.35 -27.25
CA LEU B 181 8.55 21.39 -28.35
C LEU B 181 9.24 20.05 -28.09
N LEU B 182 10.42 20.10 -27.50
CA LEU B 182 11.11 18.89 -27.09
C LEU B 182 10.29 18.17 -26.01
N ALA B 183 9.75 18.92 -25.05
CA ALA B 183 8.96 18.30 -23.98
C ALA B 183 7.74 17.58 -24.53
N ASN B 184 7.03 18.22 -25.46
CA ASN B 184 5.85 17.61 -26.08
C ASN B 184 6.15 16.26 -26.69
N GLU B 185 7.29 16.13 -27.34
CA GLU B 185 7.63 14.89 -28.00
C GLU B 185 8.19 13.83 -27.04
N MET B 186 8.58 14.25 -25.84
CA MET B 186 8.83 13.28 -24.76
C MET B 186 7.54 12.69 -24.19
N THR B 187 6.62 13.56 -23.79
CA THR B 187 5.47 13.14 -23.00
C THR B 187 4.24 12.75 -23.85
N ARG B 188 4.21 13.27 -25.07
CA ARG B 188 3.12 12.98 -26.01
C ARG B 188 3.74 12.71 -27.39
N PRO B 189 4.62 11.70 -27.49
CA PRO B 189 5.34 11.50 -28.75
C PRO B 189 4.43 11.27 -29.93
N SER B 190 4.80 11.85 -31.07
CA SER B 190 4.09 11.64 -32.31
C SER B 190 4.31 10.22 -32.81
N GLY B 191 3.31 9.66 -33.48
CA GLY B 191 3.47 8.38 -34.15
C GLY B 191 2.20 7.56 -34.05
N ASN B 192 2.00 6.68 -35.01
CA ASN B 192 0.79 5.84 -35.06
C ASN B 192 1.13 4.38 -34.78
N THR B 193 2.37 4.17 -34.36
CA THR B 193 2.96 2.85 -34.25
C THR B 193 3.92 2.92 -33.03
N PRO B 194 4.09 1.81 -32.27
CA PRO B 194 5.07 1.86 -31.17
C PRO B 194 6.46 2.26 -31.64
N GLU B 195 6.83 1.77 -32.81
CA GLU B 195 8.14 2.11 -33.36
C GLU B 195 8.29 3.61 -33.65
N GLU B 196 7.25 4.21 -34.22
CA GLU B 196 7.23 5.61 -34.57
C GLU B 196 7.31 6.41 -33.28
N GLN B 197 6.54 6.03 -32.28
CA GLN B 197 6.58 6.76 -31.01
C GLN B 197 7.93 6.65 -30.33
N GLY B 198 8.52 5.46 -30.38
CA GLY B 198 9.88 5.27 -29.91
C GLY B 198 10.86 6.21 -30.58
N ARG B 199 10.77 6.31 -31.91
CA ARG B 199 11.68 7.20 -32.61
C ARG B 199 11.46 8.67 -32.25
N SER B 200 10.20 9.06 -32.03
CA SER B 200 9.90 10.44 -31.63
C SER B 200 10.51 10.79 -30.28
N LEU B 201 10.34 9.91 -29.32
CA LEU B 201 10.91 10.10 -27.99
C LEU B 201 12.43 10.14 -28.07
N GLU B 202 13.02 9.20 -28.80
CA GLU B 202 14.47 9.15 -29.01
C GLU B 202 15.01 10.47 -29.53
N ALA B 203 14.32 11.05 -30.51
CA ALA B 203 14.77 12.28 -31.14
C ALA B 203 14.63 13.46 -30.17
N ALA B 204 13.59 13.42 -29.36
CA ALA B 204 13.37 14.48 -28.38
C ALA B 204 14.41 14.40 -27.26
N ASN B 205 14.76 13.18 -26.84
CA ASN B 205 15.71 12.98 -25.76
C ASN B 205 17.09 13.42 -26.26
N LYS B 206 17.38 13.13 -27.53
CA LYS B 206 18.63 13.58 -28.14
C LYS B 206 18.69 15.11 -28.20
N GLY B 207 17.55 15.73 -28.53
CA GLY B 207 17.45 17.18 -28.54
C GLY B 207 17.71 17.79 -27.18
N PHE B 208 17.17 17.18 -26.13
CA PHE B 208 17.50 17.63 -24.78
C PHE B 208 19.00 17.49 -24.50
N PHE B 209 19.61 16.36 -24.87
CA PHE B 209 21.03 16.17 -24.58
C PHE B 209 21.89 17.18 -25.31
N GLU B 210 21.46 17.55 -26.51
CA GLU B 210 22.22 18.51 -27.31
C GLU B 210 22.11 19.91 -26.74
N TYR B 211 20.95 20.23 -26.19
CA TYR B 211 20.72 21.51 -25.53
C TYR B 211 21.52 21.61 -24.23
N VAL B 212 21.56 20.52 -23.47
CA VAL B 212 22.13 20.52 -22.15
C VAL B 212 23.65 20.40 -22.10
N ALA B 213 24.22 19.78 -23.12
CA ALA B 213 25.67 19.54 -23.14
C ALA B 213 26.52 20.81 -22.93
N PRO B 214 26.25 21.89 -23.68
CA PRO B 214 27.09 23.07 -23.48
C PRO B 214 26.88 23.73 -22.13
N ILE B 215 25.69 23.58 -21.56
CA ILE B 215 25.39 24.12 -20.24
C ILE B 215 26.22 23.40 -19.20
N ILE B 216 26.26 22.07 -19.28
CA ILE B 216 27.06 21.29 -18.36
C ILE B 216 28.53 21.67 -18.50
N ALA B 217 29.01 21.77 -19.73
CA ALA B 217 30.40 22.15 -19.98
C ALA B 217 30.69 23.52 -19.34
N ALA B 218 29.73 24.43 -19.43
CA ALA B 218 29.91 25.80 -18.98
C ALA B 218 29.75 25.94 -17.45
N ARG B 219 29.11 24.97 -16.81
CA ARG B 219 28.76 25.10 -15.39
C ARG B 219 29.36 24.04 -14.47
N ARG B 220 30.06 23.05 -15.04
CA ARG B 220 30.80 22.08 -14.21
C ARG B 220 31.85 22.84 -13.41
N GLY B 221 31.82 22.67 -12.10
CA GLY B 221 32.78 23.31 -11.23
C GLY B 221 32.57 24.80 -11.12
N GLY B 222 31.43 25.28 -11.61
CA GLY B 222 31.18 26.70 -11.66
C GLY B 222 30.77 27.30 -10.33
N SER B 223 30.74 28.63 -10.31
CA SER B 223 30.37 29.39 -9.13
C SER B 223 28.97 29.97 -9.22
N GLY B 224 28.24 29.62 -10.27
CA GLY B 224 26.88 30.11 -10.42
C GLY B 224 26.01 29.67 -9.27
N THR B 225 24.95 30.44 -9.01
CA THR B 225 23.99 30.11 -7.97
C THR B 225 22.65 29.63 -8.52
N ASP B 226 22.58 29.44 -9.84
CA ASP B 226 21.40 28.88 -10.46
C ASP B 226 21.21 27.42 -10.11
N LEU B 227 20.02 26.91 -10.39
CA LEU B 227 19.64 25.58 -9.99
C LEU B 227 20.52 24.53 -10.62
N ILE B 228 20.89 24.74 -11.87
CA ILE B 228 21.69 23.75 -12.57
C ILE B 228 23.07 23.63 -11.96
N THR B 229 23.78 24.74 -11.73
CA THR B 229 25.16 24.53 -11.21
C THR B 229 25.07 23.94 -9.82
N ARG B 230 24.03 24.31 -9.08
CA ARG B 230 23.86 23.81 -7.70
C ARG B 230 23.70 22.29 -7.67
N ILE B 231 22.88 21.75 -8.55
CA ILE B 231 22.63 20.30 -8.57
C ILE B 231 23.77 19.55 -9.27
N LEU B 232 24.21 20.10 -10.40
CA LEU B 232 25.20 19.47 -11.26
C LEU B 232 26.48 19.14 -10.51
N ASN B 233 26.84 20.04 -9.58
CA ASN B 233 28.10 19.94 -8.88
C ASN B 233 28.06 19.26 -7.50
N VAL B 234 26.92 18.67 -7.15
CA VAL B 234 26.86 17.76 -6.01
C VAL B 234 27.64 16.49 -6.33
N GLU B 235 28.54 16.11 -5.44
CA GLU B 235 29.34 14.92 -5.66
C GLU B 235 28.50 13.65 -5.60
N ILE B 236 28.87 12.70 -6.44
CA ILE B 236 28.27 11.36 -6.44
C ILE B 236 29.36 10.37 -6.05
N ASP B 237 29.16 9.69 -4.92
CA ASP B 237 30.19 8.82 -4.35
C ASP B 237 31.54 9.53 -4.32
N GLY B 238 31.54 10.76 -3.81
CA GLY B 238 32.77 11.50 -3.58
C GLY B 238 33.53 12.00 -4.81
N LYS B 239 32.84 12.16 -5.94
CA LYS B 239 33.49 12.68 -7.15
C LYS B 239 32.45 13.34 -8.02
N PRO B 240 32.90 14.11 -9.03
CA PRO B 240 31.95 14.75 -9.95
C PRO B 240 31.12 13.70 -10.63
N MET B 241 29.84 13.97 -10.88
CA MET B 241 29.02 12.96 -11.53
C MET B 241 29.51 12.78 -12.96
N PRO B 242 29.37 11.56 -13.49
CA PRO B 242 29.78 11.24 -14.86
C PRO B 242 29.04 12.07 -15.89
N ASP B 243 29.63 12.23 -17.06
CA ASP B 243 29.01 13.04 -18.09
C ASP B 243 27.67 12.46 -18.55
N ASP B 244 27.59 11.15 -18.72
CA ASP B 244 26.33 10.56 -19.18
C ASP B 244 25.18 10.82 -18.19
N ARG B 245 25.46 10.65 -16.90
CA ARG B 245 24.49 10.93 -15.86
C ARG B 245 24.09 12.41 -15.83
N ALA B 246 25.08 13.30 -16.01
CA ALA B 246 24.78 14.72 -16.01
C ALA B 246 23.82 15.12 -17.14
N LEU B 247 24.05 14.56 -18.32
CA LEU B 247 23.15 14.83 -19.46
C LEU B 247 21.73 14.47 -19.11
N GLY B 248 21.56 13.28 -18.54
CA GLY B 248 20.25 12.80 -18.17
C GLY B 248 19.63 13.62 -17.05
N LEU B 249 20.46 14.06 -16.11
CA LEU B 249 19.96 14.79 -14.93
C LEU B 249 19.50 16.20 -15.28
N VAL B 250 20.34 16.92 -16.01
CA VAL B 250 19.98 18.28 -16.34
C VAL B 250 18.78 18.25 -17.30
N SER B 251 18.75 17.29 -18.21
CA SER B 251 17.63 17.18 -19.12
C SER B 251 16.34 16.95 -18.34
N LEU B 252 16.41 16.12 -17.30
CA LEU B 252 15.20 15.80 -16.56
C LEU B 252 14.68 17.01 -15.80
N LEU B 253 15.60 17.79 -15.22
CA LEU B 253 15.21 19.01 -14.55
C LEU B 253 14.45 19.91 -15.48
N LEU B 254 14.95 20.06 -16.70
CA LEU B 254 14.26 20.90 -17.67
C LEU B 254 12.89 20.34 -17.99
N LEU B 255 12.83 19.04 -18.27
CA LEU B 255 11.55 18.42 -18.61
C LEU B 255 10.54 18.58 -17.47
N GLY B 256 10.98 18.28 -16.26
CA GLY B 256 10.15 18.48 -15.07
C GLY B 256 9.66 19.91 -14.93
N GLY B 257 10.55 20.87 -15.13
CA GLY B 257 10.19 22.27 -15.01
C GLY B 257 9.26 22.80 -16.09
N LEU B 258 9.17 22.08 -17.22
CA LEU B 258 8.52 22.61 -18.42
C LEU B 258 7.11 22.16 -18.75
N ASP B 259 6.73 20.96 -18.34
CA ASP B 259 5.48 20.38 -18.80
C ASP B 259 4.40 20.23 -17.74
N THR B 260 4.73 19.73 -16.56
CA THR B 260 3.63 19.33 -15.68
C THR B 260 2.85 20.51 -15.12
N VAL B 261 3.51 21.53 -14.57
CA VAL B 261 2.73 22.61 -13.95
C VAL B 261 1.91 23.34 -15.00
N VAL B 262 2.51 23.55 -16.17
CA VAL B 262 1.80 24.18 -17.28
C VAL B 262 0.46 23.49 -17.50
N ASN B 263 0.48 22.17 -17.55
CA ASN B 263 -0.74 21.50 -17.87
C ASN B 263 -1.70 21.38 -16.70
N PHE B 264 -1.16 21.18 -15.51
CA PHE B 264 -1.96 21.19 -14.30
C PHE B 264 -2.78 22.47 -14.22
N LEU B 265 -2.14 23.60 -14.46
CA LEU B 265 -2.83 24.88 -14.33
C LEU B 265 -4.00 24.97 -15.29
N GLY B 266 -3.84 24.48 -16.52
CA GLY B 266 -4.93 24.50 -17.47
C GLY B 266 -6.15 23.74 -17.00
N PHE B 267 -5.95 22.52 -16.56
CA PHE B 267 -7.06 21.71 -16.05
C PHE B 267 -7.70 22.36 -14.85
N MET B 268 -6.88 22.86 -13.94
CA MET B 268 -7.38 23.47 -12.71
C MET B 268 -8.25 24.66 -13.08
N MET B 269 -7.76 25.48 -14.02
CA MET B 269 -8.43 26.73 -14.31
C MET B 269 -9.75 26.52 -15.06
N ILE B 270 -9.81 25.50 -15.88
CA ILE B 270 -11.06 25.18 -16.53
C ILE B 270 -12.12 24.85 -15.49
N TYR B 271 -11.76 24.04 -14.51
CA TYR B 271 -12.67 23.72 -13.43
C TYR B 271 -13.07 24.98 -12.69
N LEU B 272 -12.11 25.80 -12.28
CA LEU B 272 -12.46 26.98 -11.49
C LEU B 272 -13.37 27.92 -12.26
N SER B 273 -13.12 28.03 -13.56
CA SER B 273 -13.92 28.91 -14.41
C SER B 273 -15.39 28.45 -14.46
N ARG B 274 -15.65 27.20 -14.11
CA ARG B 274 -17.01 26.65 -14.13
C ARG B 274 -17.62 26.57 -12.73
N HIS B 275 -16.83 26.94 -11.72
CA HIS B 275 -17.28 26.80 -10.34
C HIS B 275 -17.07 28.09 -9.55
N PRO B 276 -17.85 29.14 -9.89
CA PRO B 276 -17.70 30.44 -9.25
C PRO B 276 -17.83 30.41 -7.73
N GLU B 277 -18.56 29.45 -7.19
CA GLU B 277 -18.75 29.41 -5.75
C GLU B 277 -17.46 29.02 -5.06
N THR B 278 -16.67 28.14 -5.65
CA THR B 278 -15.43 27.77 -5.00
C THR B 278 -14.35 28.82 -5.26
N VAL B 279 -14.40 29.50 -6.40
CA VAL B 279 -13.56 30.67 -6.60
C VAL B 279 -13.86 31.71 -5.52
N ALA B 280 -15.15 31.94 -5.27
CA ALA B 280 -15.56 32.93 -4.26
C ALA B 280 -15.04 32.57 -2.88
N GLU B 281 -15.11 31.29 -2.54
CA GLU B 281 -14.58 30.84 -1.27
C GLU B 281 -13.08 31.11 -1.15
N MET B 282 -12.34 30.85 -2.22
CA MET B 282 -10.89 31.11 -2.24
C MET B 282 -10.59 32.58 -2.05
N ARG B 283 -11.37 33.41 -2.72
CA ARG B 283 -11.16 34.85 -2.72
C ARG B 283 -11.45 35.42 -1.35
N ARG B 284 -12.50 34.92 -0.71
CA ARG B 284 -13.00 35.48 0.54
C ARG B 284 -12.20 35.00 1.74
N GLU B 285 -11.61 33.82 1.64
CA GLU B 285 -10.92 33.20 2.77
C GLU B 285 -9.51 32.74 2.40
N PRO B 286 -8.51 33.61 2.62
CA PRO B 286 -7.13 33.31 2.22
C PRO B 286 -6.62 31.99 2.76
N LEU B 287 -7.06 31.60 3.95
CA LEU B 287 -6.66 30.32 4.51
C LEU B 287 -7.26 29.14 3.77
N LYS B 288 -8.47 29.32 3.22
CA LYS B 288 -9.11 28.25 2.44
C LYS B 288 -8.32 28.03 1.16
N LEU B 289 -7.90 29.12 0.54
CA LEU B 289 -7.08 29.02 -0.66
C LEU B 289 -5.79 28.25 -0.34
N GLN B 290 -5.03 28.72 0.64
CA GLN B 290 -3.73 28.13 0.94
C GLN B 290 -3.86 26.67 1.28
N ARG B 291 -4.78 26.36 2.18
CA ARG B 291 -4.95 25.01 2.67
C ARG B 291 -5.69 24.13 1.66
N GLY B 292 -6.26 24.73 0.62
CA GLY B 292 -6.99 24.01 -0.40
C GLY B 292 -6.17 23.63 -1.64
N VAL B 293 -4.95 24.13 -1.75
CA VAL B 293 -4.13 23.82 -2.92
C VAL B 293 -3.89 22.31 -3.07
N GLU B 294 -3.71 21.59 -1.96
CA GLU B 294 -3.45 20.15 -2.09
C GLU B 294 -4.66 19.39 -2.67
N GLU B 295 -5.86 19.85 -2.34
CA GLU B 295 -7.10 19.35 -2.92
C GLU B 295 -7.09 19.49 -4.44
N LEU B 296 -6.55 20.61 -4.94
CA LEU B 296 -6.42 20.81 -6.37
C LEU B 296 -5.46 19.78 -6.95
N PHE B 297 -4.35 19.51 -6.27
CA PHE B 297 -3.44 18.48 -6.75
C PHE B 297 -4.13 17.10 -6.77
N ARG B 298 -4.96 16.82 -5.78
CA ARG B 298 -5.72 15.57 -5.80
C ARG B 298 -6.59 15.47 -7.05
N ARG B 299 -7.23 16.58 -7.38
CA ARG B 299 -8.27 16.60 -8.40
C ARG B 299 -7.77 16.67 -9.84
N PHE B 300 -6.59 17.24 -10.07
CA PHE B 300 -6.10 17.49 -11.45
C PHE B 300 -4.78 16.82 -11.74
N ALA B 301 -4.70 15.53 -11.46
CA ALA B 301 -3.50 14.77 -11.81
C ALA B 301 -3.24 14.86 -13.31
N VAL B 302 -1.97 14.85 -13.71
CA VAL B 302 -1.63 14.89 -15.14
C VAL B 302 -0.72 13.78 -15.65
N VAL B 303 -0.05 13.06 -14.75
CA VAL B 303 0.94 12.05 -15.14
C VAL B 303 0.34 10.64 -15.21
N SER B 304 0.65 9.94 -16.28
CA SER B 304 0.33 8.51 -16.40
C SER B 304 1.58 7.83 -16.92
N ASP B 305 2.42 7.34 -16.03
CA ASP B 305 3.65 6.67 -16.46
C ASP B 305 3.67 5.25 -15.94
N ALA B 306 4.78 4.56 -16.10
CA ALA B 306 4.76 3.12 -15.94
C ALA B 306 5.85 2.57 -15.02
N ARG B 307 5.74 1.28 -14.72
CA ARG B 307 6.81 0.50 -14.08
C ARG B 307 6.91 -0.84 -14.77
N TYR B 308 8.05 -1.49 -14.55
CA TYR B 308 8.45 -2.73 -15.20
C TYR B 308 8.40 -3.86 -14.17
N VAL B 309 7.64 -4.91 -14.47
CA VAL B 309 7.50 -6.04 -13.54
C VAL B 309 8.81 -6.82 -13.43
N VAL B 310 9.38 -6.84 -12.24
CA VAL B 310 10.73 -7.38 -12.05
C VAL B 310 10.78 -8.91 -12.17
N SER B 311 9.74 -9.57 -11.66
CA SER B 311 9.68 -11.03 -11.62
C SER B 311 8.28 -11.52 -11.89
N ASP B 312 8.14 -12.71 -12.47
CA ASP B 312 6.83 -13.34 -12.52
C ASP B 312 6.19 -13.31 -11.13
N MET B 313 4.92 -12.96 -11.06
CA MET B 313 4.26 -12.81 -9.78
C MET B 313 2.75 -12.82 -9.96
N GLU B 314 2.04 -13.04 -8.85
CA GLU B 314 0.61 -12.77 -8.80
C GLU B 314 0.43 -11.50 -7.99
N PHE B 315 -0.31 -10.54 -8.52
CA PHE B 315 -0.50 -9.26 -7.88
C PHE B 315 -1.97 -8.95 -7.97
N HIS B 316 -2.63 -8.80 -6.82
CA HIS B 316 -4.06 -8.50 -6.80
C HIS B 316 -4.84 -9.44 -7.73
N GLY B 317 -4.58 -10.74 -7.57
CA GLY B 317 -5.29 -11.78 -8.26
C GLY B 317 -4.98 -11.88 -9.76
N THR B 318 -3.89 -11.22 -10.19
CA THR B 318 -3.57 -11.08 -11.60
C THR B 318 -2.18 -11.64 -11.85
N MET B 319 -2.08 -12.53 -12.83
CA MET B 319 -0.80 -13.13 -13.17
C MET B 319 0.01 -12.18 -14.05
N LEU B 320 1.20 -11.85 -13.58
CA LEU B 320 2.09 -10.95 -14.28
C LEU B 320 3.38 -11.65 -14.59
N LYS B 321 4.00 -11.25 -15.70
CA LYS B 321 5.28 -11.83 -16.09
C LYS B 321 6.37 -10.78 -16.02
N GLU B 322 7.57 -11.24 -15.68
CA GLU B 322 8.75 -10.40 -15.77
C GLU B 322 8.78 -9.62 -17.10
N GLY B 323 8.96 -8.32 -17.02
CA GLY B 323 9.04 -7.49 -18.21
C GLY B 323 7.73 -6.88 -18.65
N ASP B 324 6.61 -7.35 -18.10
CA ASP B 324 5.34 -6.67 -18.34
C ASP B 324 5.45 -5.22 -17.90
N LEU B 325 4.79 -4.32 -18.63
CA LEU B 325 4.72 -2.92 -18.22
C LEU B 325 3.33 -2.66 -17.67
N ILE B 326 3.28 -1.88 -16.58
CA ILE B 326 2.01 -1.45 -16.01
C ILE B 326 1.95 0.07 -16.03
N LEU B 327 0.93 0.62 -16.68
CA LEU B 327 0.70 2.05 -16.69
C LEU B 327 -0.07 2.45 -15.43
N LEU B 328 0.34 3.58 -14.86
CA LEU B 328 -0.19 4.09 -13.60
C LEU B 328 -0.83 5.46 -13.89
N PRO B 329 -2.11 5.49 -14.20
CA PRO B 329 -2.78 6.77 -14.49
C PRO B 329 -3.07 7.42 -13.18
N THR B 330 -2.28 8.41 -12.80
CA THR B 330 -2.32 8.88 -11.43
C THR B 330 -3.66 9.51 -11.09
N ALA B 331 -4.42 9.95 -12.09
CA ALA B 331 -5.77 10.45 -11.85
C ALA B 331 -6.65 9.42 -11.17
N LEU B 332 -6.37 8.14 -11.38
CA LEU B 332 -7.21 7.10 -10.82
C LEU B 332 -6.95 6.77 -9.37
N HIS B 333 -6.03 7.50 -8.73
CA HIS B 333 -5.95 7.50 -7.27
C HIS B 333 -6.77 8.64 -6.70
N GLY B 334 -6.38 9.88 -7.01
CA GLY B 334 -7.10 11.04 -6.49
C GLY B 334 -8.59 11.05 -6.81
N LEU B 335 -8.97 10.47 -7.95
CA LEU B 335 -10.38 10.39 -8.35
C LEU B 335 -11.13 9.06 -8.04
N ASP B 336 -10.47 8.15 -7.34
CA ASP B 336 -11.04 6.85 -6.99
C ASP B 336 -12.06 7.04 -5.89
N ASP B 337 -13.31 6.69 -6.14
CA ASP B 337 -14.34 6.91 -5.12
C ASP B 337 -14.22 5.98 -3.91
N ARG B 338 -13.31 5.00 -3.96
CA ARG B 338 -12.97 4.20 -2.79
C ARG B 338 -12.11 4.99 -1.80
N HIS B 339 -11.47 6.04 -2.31
CA HIS B 339 -10.54 6.85 -1.54
C HIS B 339 -11.10 8.21 -1.16
N HIS B 340 -12.01 8.71 -1.99
CA HIS B 340 -12.60 10.04 -1.81
C HIS B 340 -14.06 10.06 -2.23
N ASP B 341 -14.93 10.54 -1.36
CA ASP B 341 -16.33 10.75 -1.74
C ASP B 341 -16.44 11.92 -2.73
N ASP B 342 -17.37 11.80 -3.68
CA ASP B 342 -17.60 12.85 -4.69
C ASP B 342 -16.27 13.34 -5.25
N PRO B 343 -15.50 12.41 -5.82
CA PRO B 343 -14.11 12.72 -6.16
C PRO B 343 -13.95 13.82 -7.19
N MET B 344 -14.93 14.01 -8.07
CA MET B 344 -14.79 15.02 -9.11
C MET B 344 -15.08 16.43 -8.58
N THR B 345 -15.58 16.56 -7.35
CA THR B 345 -15.74 17.92 -6.81
C THR B 345 -14.56 18.35 -5.96
N VAL B 346 -14.15 19.57 -6.24
CA VAL B 346 -13.19 20.25 -5.40
C VAL B 346 -13.90 20.72 -4.15
N ASP B 347 -13.45 20.18 -3.01
CA ASP B 347 -13.90 20.60 -1.71
C ASP B 347 -12.68 21.16 -0.97
N LEU B 348 -12.60 22.48 -0.86
CA LEU B 348 -11.41 23.10 -0.28
C LEU B 348 -11.17 22.64 1.16
N SER B 349 -12.24 22.23 1.84
CA SER B 349 -12.19 21.75 3.21
C SER B 349 -12.12 20.22 3.33
N ARG B 350 -11.92 19.53 2.21
CA ARG B 350 -11.79 18.07 2.26
C ARG B 350 -10.73 17.68 3.26
N ARG B 351 -11.10 16.81 4.20
CA ARG B 351 -10.18 16.48 5.30
C ARG B 351 -9.00 15.62 4.89
N ASP B 352 -9.24 14.67 3.99
CA ASP B 352 -8.21 13.77 3.53
C ASP B 352 -8.11 13.98 2.03
N VAL B 353 -6.92 14.37 1.57
CA VAL B 353 -6.72 14.64 0.15
C VAL B 353 -5.73 13.68 -0.50
N THR B 354 -5.45 12.57 0.17
CA THR B 354 -4.42 11.62 -0.25
C THR B 354 -4.49 11.30 -1.74
N HIS B 355 -3.36 11.41 -2.40
CA HIS B 355 -3.36 11.26 -3.85
C HIS B 355 -1.97 10.88 -4.33
N SER B 356 -1.89 10.48 -5.59
CA SER B 356 -0.62 10.11 -6.22
C SER B 356 -0.25 11.01 -7.41
N THR B 357 -0.70 12.25 -7.37
CA THR B 357 -0.37 13.22 -8.41
C THR B 357 1.13 13.44 -8.55
N PHE B 358 1.82 13.31 -7.42
CA PHE B 358 3.30 13.38 -7.42
C PHE B 358 3.92 11.99 -7.30
N ALA B 359 3.13 10.96 -7.56
CA ALA B 359 3.53 9.57 -7.37
C ALA B 359 3.79 9.30 -5.89
N GLN B 360 4.55 8.26 -5.61
CA GLN B 360 4.88 7.85 -4.25
C GLN B 360 6.22 7.18 -4.30
N GLY B 361 6.77 6.86 -3.14
CA GLY B 361 8.01 6.12 -3.10
C GLY B 361 9.23 6.97 -3.35
N PRO B 362 10.34 6.32 -3.73
CA PRO B 362 11.61 7.08 -3.78
C PRO B 362 11.57 8.17 -4.83
N HIS B 363 10.80 7.99 -5.89
CA HIS B 363 10.76 8.97 -6.97
C HIS B 363 9.70 10.06 -6.77
N ARG B 364 8.97 10.02 -5.66
CA ARG B 364 7.91 11.02 -5.45
C ARG B 364 8.46 12.39 -5.78
N CYS B 365 7.70 13.12 -6.59
CA CYS B 365 8.19 14.32 -7.29
C CYS B 365 9.11 15.21 -6.48
N ALA B 366 10.32 15.40 -6.98
CA ALA B 366 11.28 16.28 -6.33
C ALA B 366 10.88 17.76 -6.44
N GLY B 367 10.01 18.05 -7.41
CA GLY B 367 9.53 19.40 -7.67
C GLY B 367 8.26 19.77 -6.91
N MET B 368 7.80 18.90 -6.01
CA MET B 368 6.48 19.12 -5.42
C MET B 368 6.36 20.42 -4.63
N HIS B 369 7.43 20.83 -3.97
CA HIS B 369 7.38 22.06 -3.19
C HIS B 369 7.28 23.27 -4.08
N LEU B 370 8.02 23.24 -5.18
CA LEU B 370 7.98 24.29 -6.16
C LEU B 370 6.60 24.34 -6.82
N ALA B 371 6.04 23.18 -7.14
CA ALA B 371 4.72 23.13 -7.75
C ALA B 371 3.69 23.75 -6.82
N ARG B 372 3.75 23.38 -5.55
CA ARG B 372 2.78 23.88 -4.61
C ARG B 372 2.88 25.40 -4.49
N LEU B 373 4.11 25.90 -4.47
CA LEU B 373 4.33 27.34 -4.31
C LEU B 373 3.85 28.09 -5.53
N GLU B 374 4.15 27.56 -6.71
CA GLU B 374 3.71 28.20 -7.95
C GLU B 374 2.20 28.30 -8.04
N VAL B 375 1.51 27.22 -7.68
CA VAL B 375 0.05 27.19 -7.73
C VAL B 375 -0.56 28.14 -6.71
N THR B 376 -0.02 28.13 -5.49
CA THR B 376 -0.51 29.01 -4.43
C THR B 376 -0.36 30.47 -4.85
N VAL B 377 0.84 30.85 -5.27
CA VAL B 377 1.09 32.22 -5.71
C VAL B 377 0.20 32.62 -6.86
N MET B 378 0.07 31.74 -7.85
CA MET B 378 -0.76 32.00 -9.01
C MET B 378 -2.18 32.35 -8.57
N LEU B 379 -2.76 31.51 -7.74
CA LEU B 379 -4.14 31.74 -7.31
C LEU B 379 -4.27 33.04 -6.53
N GLN B 380 -3.34 33.30 -5.62
CA GLN B 380 -3.39 34.54 -4.85
C GLN B 380 -3.31 35.78 -5.73
N GLU B 381 -2.37 35.80 -6.65
CA GLU B 381 -2.13 36.99 -7.45
C GLU B 381 -3.19 37.12 -8.54
N TRP B 382 -3.69 35.98 -9.03
CA TRP B 382 -4.79 36.01 -9.98
C TRP B 382 -6.03 36.59 -9.31
N LEU B 383 -6.43 36.04 -8.16
CA LEU B 383 -7.69 36.43 -7.55
C LEU B 383 -7.67 37.86 -7.03
N ALA B 384 -6.49 38.35 -6.69
CA ALA B 384 -6.36 39.72 -6.25
C ALA B 384 -6.73 40.69 -7.37
N ARG B 385 -6.58 40.26 -8.63
CA ARG B 385 -6.73 41.17 -9.78
C ARG B 385 -7.91 40.82 -10.69
N ILE B 386 -8.31 39.56 -10.68
CA ILE B 386 -9.37 39.01 -11.50
C ILE B 386 -10.16 38.08 -10.58
N PRO B 387 -10.93 38.66 -9.66
CA PRO B 387 -11.59 37.89 -8.60
C PRO B 387 -12.71 37.00 -9.11
N GLU B 388 -13.32 37.36 -10.24
CA GLU B 388 -14.37 36.55 -10.84
C GLU B 388 -14.04 36.33 -12.30
N PHE B 389 -14.38 35.16 -12.82
CA PHE B 389 -14.15 34.84 -14.22
C PHE B 389 -14.93 33.60 -14.64
N ARG B 390 -15.08 33.46 -15.94
CA ARG B 390 -15.81 32.35 -16.52
C ARG B 390 -15.19 31.95 -17.85
N LEU B 391 -15.54 30.76 -18.31
CA LEU B 391 -15.17 30.30 -19.62
C LEU B 391 -16.10 30.97 -20.63
N LYS B 392 -15.54 31.41 -21.74
CA LYS B 392 -16.32 32.00 -22.81
C LYS B 392 -17.41 31.04 -23.27
N ASP B 393 -18.55 31.61 -23.66
CA ASP B 393 -19.68 30.81 -24.14
C ASP B 393 -19.29 29.86 -25.26
N ARG B 394 -19.69 28.61 -25.07
CA ARG B 394 -19.55 27.55 -26.06
C ARG B 394 -18.10 27.24 -26.40
N ALA B 395 -17.16 27.78 -25.61
CA ALA B 395 -15.76 27.43 -25.77
C ALA B 395 -15.55 25.95 -25.50
N VAL B 396 -14.64 25.35 -26.26
CA VAL B 396 -14.35 23.93 -26.10
C VAL B 396 -12.84 23.79 -26.06
N PRO B 397 -12.30 23.43 -24.89
CA PRO B 397 -10.88 23.16 -24.85
C PRO B 397 -10.52 21.92 -25.67
N ILE B 398 -9.26 21.84 -26.05
CA ILE B 398 -8.72 20.69 -26.76
C ILE B 398 -7.84 19.93 -25.80
N TYR B 399 -8.21 18.68 -25.57
CA TYR B 399 -7.52 17.82 -24.60
C TYR B 399 -6.59 16.84 -25.29
N HIS B 400 -5.45 16.60 -24.62
CA HIS B 400 -4.47 15.61 -25.04
C HIS B 400 -4.15 14.63 -23.93
N SER B 401 -4.10 13.35 -24.27
CA SER B 401 -3.65 12.36 -23.32
C SER B 401 -2.31 11.77 -23.74
N GLY B 402 -1.57 11.29 -22.75
CA GLY B 402 -0.28 10.67 -22.98
C GLY B 402 0.37 10.42 -21.64
N ILE B 403 1.70 10.46 -21.60
CA ILE B 403 2.40 10.30 -20.34
C ILE B 403 2.16 11.52 -19.44
N VAL B 404 2.06 12.68 -20.05
CA VAL B 404 1.60 13.86 -19.35
C VAL B 404 0.45 14.43 -20.16
N ALA B 405 -0.67 14.67 -19.50
CA ALA B 405 -1.85 15.26 -20.14
C ALA B 405 -1.61 16.71 -20.50
N ALA B 406 -2.29 17.18 -21.53
CA ALA B 406 -2.24 18.58 -21.88
C ALA B 406 -3.60 19.09 -22.27
N VAL B 407 -3.73 20.41 -22.27
CA VAL B 407 -4.99 21.04 -22.64
C VAL B 407 -4.68 22.41 -23.23
N GLU B 408 -5.38 22.77 -24.31
CA GLU B 408 -5.25 24.08 -24.90
C GLU B 408 -6.62 24.70 -25.14
N ASN B 409 -6.59 25.99 -25.43
CA ASN B 409 -7.77 26.80 -25.74
C ASN B 409 -8.71 26.97 -24.55
N ILE B 410 -8.36 27.92 -23.69
CA ILE B 410 -9.10 28.16 -22.47
C ILE B 410 -9.42 29.64 -22.45
N PRO B 411 -10.40 30.05 -23.25
CA PRO B 411 -10.78 31.46 -23.30
C PRO B 411 -11.60 31.90 -22.09
N LEU B 412 -11.02 32.80 -21.30
CA LEU B 412 -11.64 33.28 -20.10
C LEU B 412 -12.15 34.69 -20.29
N GLU B 413 -13.25 35.01 -19.60
CA GLU B 413 -13.86 36.34 -19.67
C GLU B 413 -14.18 36.84 -18.28
N TRP B 414 -14.06 38.15 -18.07
CA TRP B 414 -14.46 38.77 -16.81
C TRP B 414 -14.79 40.24 -17.01
N GLU B 415 -15.43 40.83 -16.01
CA GLU B 415 -15.63 42.27 -15.96
C GLU B 415 -14.43 42.88 -15.26
N PRO B 416 -13.63 43.69 -15.97
CA PRO B 416 -12.44 44.29 -15.34
C PRO B 416 -12.78 45.12 -14.09
N GLN B 417 -11.98 45.00 -13.02
CA GLN B 417 -12.29 45.69 -11.77
C GLN B 417 -11.48 46.97 -11.57
CHA HEM C . 4.09 -16.66 11.81
CHB HEM C . -0.70 -15.97 11.46
CHC HEM C . -1.41 -20.75 11.85
CHD HEM C . 3.26 -21.36 12.79
C1A HEM C . 2.85 -16.08 11.63
C2A HEM C . 2.63 -14.67 11.44
C3A HEM C . 1.30 -14.49 11.38
C4A HEM C . 0.65 -15.75 11.51
CMA HEM C . 0.59 -13.15 11.15
CAA HEM C . 3.74 -13.61 11.35
CBA HEM C . 4.18 -13.12 12.71
CGA HEM C . 5.16 -11.99 12.62
O1A HEM C . 6.30 -12.22 12.15
O2A HEM C . 4.82 -10.85 13.02
C1B HEM C . -1.32 -17.20 11.50
C2B HEM C . -2.73 -17.45 11.30
C3B HEM C . -2.91 -18.78 11.40
C4B HEM C . -1.64 -19.39 11.68
CMB HEM C . -3.78 -16.36 11.02
CAB HEM C . -4.21 -19.60 11.27
CBB HEM C . -5.45 -19.15 11.22
C1C HEM C . -0.20 -21.34 12.14
C2C HEM C . 0.00 -22.75 12.43
C3C HEM C . 1.29 -22.92 12.73
C4C HEM C . 1.94 -21.64 12.61
CMC HEM C . -1.12 -23.81 12.38
CAC HEM C . 1.95 -24.26 13.08
CBC HEM C . 2.97 -24.30 13.91
C1D HEM C . 3.88 -20.17 12.58
C2D HEM C . 5.32 -19.97 12.71
C3D HEM C . 5.58 -18.54 12.38
C4D HEM C . 4.28 -17.98 12.14
CMD HEM C . 6.39 -21.00 13.06
CAD HEM C . 6.92 -17.82 12.40
CBD HEM C . 7.46 -17.75 10.97
CGD HEM C . 8.75 -16.98 10.91
O1D HEM C . 9.07 -16.24 11.86
O2D HEM C . 9.47 -17.09 9.87
NA HEM C . 1.62 -16.72 11.71
NB HEM C . -0.69 -18.40 11.74
NC HEM C . 0.99 -20.69 12.29
ND HEM C . 3.30 -18.96 12.26
FE HEM C . 1.30 -18.71 11.94
HHB HEM C . -1.28 -15.18 11.55
HHC HEM C . -2.18 -21.35 11.75
HHD HEM C . 3.83 -22.10 13.10
HMA HEM C . 0.85 -12.77 10.28
HMAA HEM C . 0.82 -12.52 11.86
HMAB HEM C . -0.38 -13.30 11.15
HAA HEM C . 3.40 -12.85 10.84
HAAA HEM C . 4.50 -13.99 10.89
HBA HEM C . 4.59 -13.86 13.19
HBAA HEM C . 3.40 -12.83 13.21
HMB HEM C . -4.66 -16.77 10.92
HMBA HEM C . -3.55 -15.89 10.20
HMBB HEM C . -3.81 -15.73 11.76
HAB HEM C . -4.11 -20.55 11.22
HBB HEM C . -6.19 -19.78 11.13
HBBA HEM C . -5.63 -18.20 11.25
HMC HEM C . -0.76 -24.68 12.61
HMCA HEM C . -1.50 -23.83 11.50
HMCB HEM C . -1.81 -23.57 13.02
HAC HEM C . 1.64 -25.07 12.66
HBC HEM C . 3.40 -25.14 14.14
HBCA HEM C . 3.31 -23.47 14.30
HMD HEM C . 7.26 -20.57 13.06
HMDA HEM C . 6.39 -21.72 12.40
HMDB HEM C . 6.21 -21.37 13.95
HAD HEM C . 7.55 -18.31 12.96
HADA HEM C . 6.81 -16.92 12.75
HBD HEM C . 6.80 -17.30 10.40
HBDA HEM C . 7.61 -18.64 10.64
HHA HEM C . 4.86 -16.17 11.48
C1 CAM D . 2.15 -15.92 17.47
C2 CAM D . 3.55 -15.47 17.73
O CAM D . 4.15 -15.54 18.86
C3 CAM D . 4.16 -14.93 16.49
C4 CAM D . 3.08 -15.28 15.54
C5 CAM D . 3.19 -16.76 15.57
C6 CAM D . 2.45 -17.21 16.79
C7 CAM D . 1.81 -15.00 16.31
C8 CAM D . 0.60 -15.44 15.56
C9 CAM D . 1.59 -13.58 16.64
C10 CAM D . 1.25 -15.96 18.66
H31 CAM D . 4.32 -13.87 16.56
H32 CAM D . 5.07 -15.46 16.24
H4 CAM D . 3.09 -14.79 14.57
H51 CAM D . 2.74 -17.19 14.69
H52 CAM D . 4.22 -17.05 15.64
H61 CAM D . 3.07 -17.86 17.39
H62 CAM D . 1.54 -17.73 16.51
H81 CAM D . 0.88 -16.21 14.85
H82 CAM D . 0.18 -14.60 15.04
H83 CAM D . -0.12 -15.84 16.25
H91 CAM D . 2.50 -13.15 17.04
H92 CAM D . 0.80 -13.49 17.37
H93 CAM D . 1.30 -13.03 15.75
H101 CAM D . 0.31 -16.39 18.38
H102 CAM D . 1.10 -14.96 19.03
H103 CAM D . 1.72 -16.55 19.43
C CYN E . 1.14 -18.36 13.63
N CYN E . 0.69 -18.48 14.57
CHA HEM F . 9.16 13.21 -10.56
CHB HEM F . 4.63 14.83 -11.16
CHC HEM F . 6.18 19.40 -10.87
CHD HEM F . 10.74 17.75 -11.07
C1A HEM F . 7.80 13.28 -10.70
C2A HEM F . 6.91 12.13 -10.72
C3A HEM F . 5.67 12.58 -10.90
C4A HEM F . 5.72 14.02 -10.99
CMA HEM F . 4.37 11.74 -10.97
CAA HEM F . 7.39 10.68 -10.53
CBA HEM F . 7.82 10.02 -11.80
CGA HEM F . 8.14 8.55 -11.67
O1A HEM F . 9.14 8.15 -11.03
O2A HEM F . 7.43 7.71 -12.28
C1B HEM F . 4.65 16.20 -11.11
C2B HEM F . 3.49 17.05 -11.14
C3B HEM F . 3.90 18.31 -11.08
C4B HEM F . 5.35 18.29 -10.99
CMB HEM F . 2.03 16.55 -11.25
CAB HEM F . 3.12 19.62 -11.07
CBB HEM F . 1.82 19.82 -11.25
C1C HEM F . 7.56 19.36 -10.95
C2C HEM F . 8.45 20.52 -11.04
C3C HEM F . 9.70 20.06 -11.13
C4C HEM F . 9.67 18.61 -11.05
CMC HEM F . 7.95 21.97 -11.06
CAC HEM F . 10.95 20.95 -11.23
CBC HEM F . 11.97 20.55 -11.98
C1D HEM F . 10.71 16.40 -10.90
C2D HEM F . 11.89 15.61 -10.76
C3D HEM F . 11.41 14.20 -10.61
C4D HEM F . 9.98 14.29 -10.66
CMD HEM F . 13.35 16.07 -10.80
CAD HEM F . 12.23 12.93 -10.44
CBD HEM F . 12.36 12.55 -8.98
CGD HEM F . 13.08 11.22 -8.85
O1D HEM F . 13.16 10.45 -9.85
O2D HEM F . 13.58 10.95 -7.72
NA HEM F . 7.05 14.41 -10.90
NB HEM F . 5.80 16.98 -11.03
NC HEM F . 8.34 18.25 -10.97
ND HEM F . 9.58 15.60 -10.81
FE HEM F . 7.68 16.31 -10.91
HHB HEM F . 3.81 14.41 -11.52
HHC HEM F . 5.74 20.28 -10.91
HHD HEM F . 11.62 18.15 -11.23
HMA HEM F . 4.25 11.24 -10.14
HMAA HEM F . 4.43 11.11 -11.72
HMAB HEM F . 3.60 12.33 -11.11
HAA HEM F . 6.68 10.17 -10.14
HAAA HEM F . 8.15 10.69 -9.91
HBA HEM F . 8.61 10.47 -12.14
HBAA HEM F . 7.11 10.12 -12.46
HMB HEM F . 1.43 17.32 -11.25
HMBA HEM F . 1.83 15.98 -10.49
HMBB HEM F . 1.92 16.05 -12.07
HAB HEM F . 3.65 20.41 -10.91
HBB HEM F . 1.46 20.73 -11.22
HBBA HEM F . 1.23 19.08 -11.42
HMC HEM F . 8.70 22.57 -11.13
HMCA HEM F . 7.45 22.16 -10.24
HMCB HEM F . 7.36 22.11 -11.83
HAC HEM F . 10.92 21.85 -10.89
HBC HEM F . 12.76 21.11 -12.05
HBCA HEM F . 11.92 19.71 -12.45
HMD HEM F . 13.95 15.29 -10.67
HMDA HEM F . 13.51 16.72 -10.08
HMDB HEM F . 13.55 16.49 -11.66
HAD HEM F . 13.11 13.06 -10.82
HADA HEM F . 11.79 12.20 -10.92
HBD HEM F . 11.48 12.47 -8.59
HBDA HEM F . 12.87 13.23 -8.52
HHA HEM F . 9.57 12.32 -10.64
C1 CAM G . 8.37 13.50 -16.52
C2 CAM G . 9.44 12.48 -16.61
O CAM G . 10.22 12.19 -17.60
C3 CAM G . 9.53 11.75 -15.31
C4 CAM G . 8.56 12.52 -14.50
C5 CAM G . 9.24 13.83 -14.37
C6 CAM G . 9.07 14.54 -15.70
C7 CAM G . 7.47 12.82 -15.49
C8 CAM G . 6.84 11.56 -15.94
C9 CAM G . 6.39 13.66 -14.92
C10 CAM G . 7.72 13.99 -17.77
H31 CAM G . 9.25 10.72 -15.41
H32 CAM G . 10.53 11.85 -14.89
H4 CAM G . 8.20 12.06 -13.60
H51 CAM G . 10.29 13.72 -14.14
H52 CAM G . 8.80 14.43 -13.58
H61 CAM G . 8.47 15.42 -15.59
H62 CAM G . 10.04 14.77 -16.12
H81 CAM G . 6.81 10.85 -15.12
H82 CAM G . 5.84 11.75 -16.28
H83 CAM G . 7.42 11.14 -16.76
H91 CAM G . 5.99 13.19 -14.04
H92 CAM G . 6.78 14.63 -14.66
H93 CAM G . 5.60 13.78 -15.65
H101 CAM G . 7.01 14.75 -17.53
H102 CAM G . 8.48 14.39 -18.43
H103 CAM G . 7.22 13.17 -18.26
C CYN H . 7.82 16.25 -12.75
N CYN H . 7.57 16.61 -13.75
#